data_4HWW
#
_entry.id   4HWW
#
_cell.length_a   90.143
_cell.length_b   90.143
_cell.length_c   69.328
_cell.angle_alpha   90.000
_cell.angle_beta   90.000
_cell.angle_gamma   120.000
#
_symmetry.space_group_name_H-M   'P 3'
#
loop_
_entity.id
_entity.type
_entity.pdbx_description
1 polymer Arginase-1
2 non-polymer [(5R)-5-amino-5-carboxy-7-(piperidin-1-yl)heptyl](trihydroxy)borate(1-)
3 non-polymer 'MANGANESE (II) ION'
4 water water
#
_entity_poly.entity_id   1
_entity_poly.type   'polypeptide(L)'
_entity_poly.pdbx_seq_one_letter_code
;SRTIGIIGAPFSKGQPRGGVEEGPTVLRKAGLLEKLKEQECDVKDYGDLPFADIPNDSPFQIVKNPRSVGKASEQLAGKV
AEVKKNGRISLVLGGDHSLAIGSISGHARVHPDLGVIWVDAHTDINTPLTTTSGNLHGQPVSFLLKELKGKIPDVPGFSW
VTPCISAKDIVYIGLRDVDPGEHYILKTLGIKYFSMTEVDRLGIGKVMEETLSYLLGRKKRPIHLSFDVDGLDPSFTPAT
GTPVVGGLTYREGLYITEEIYKTGLLSGLDIMEVNPSLGKTPEEVTRTVNTAVAITLACFGLAREGNHKPIDYL
;
_entity_poly.pdbx_strand_id   A,B
#
loop_
_chem_comp.id
_chem_comp.type
_chem_comp.name
_chem_comp.formula
MN non-polymer 'MANGANESE (II) ION' 'Mn 2'
X7A non-polymer [(5R)-5-amino-5-carboxy-7-(piperidin-1-yl)heptyl](trihydroxy)borate(1-) 'C13 H28 B N2 O5 -1'
#
# COMPACT_ATOMS: atom_id res chain seq x y z
N SER A 1 30.70 -29.09 9.70
CA SER A 1 30.74 -27.65 9.80
C SER A 1 29.57 -27.09 9.00
N ARG A 2 29.15 -25.90 9.39
CA ARG A 2 27.91 -25.30 8.89
C ARG A 2 28.14 -24.26 7.79
N THR A 3 27.57 -24.58 6.65
CA THR A 3 28.03 -24.09 5.37
C THR A 3 26.82 -23.53 4.65
N ILE A 4 26.96 -22.29 4.19
CA ILE A 4 25.80 -21.48 3.81
C ILE A 4 25.87 -20.98 2.38
N GLY A 5 24.71 -20.87 1.75
CA GLY A 5 24.59 -20.29 0.43
C GLY A 5 23.61 -19.15 0.50
N ILE A 6 24.12 -17.94 0.36
CA ILE A 6 23.27 -16.75 0.48
C ILE A 6 22.59 -16.38 -0.83
N ILE A 7 21.29 -16.14 -0.75
CA ILE A 7 20.49 -15.74 -1.90
C ILE A 7 19.71 -14.48 -1.55
N GLY A 8 19.99 -13.40 -2.27
CA GLY A 8 19.22 -12.18 -2.10
C GLY A 8 17.93 -12.26 -2.90
N ALA A 9 16.82 -11.89 -2.28
CA ALA A 9 15.53 -11.91 -2.94
C ALA A 9 14.81 -10.57 -2.79
N PRO A 10 15.27 -9.55 -3.52
CA PRO A 10 14.68 -8.22 -3.44
C PRO A 10 13.33 -8.18 -4.16
N PHE A 11 12.30 -8.64 -3.48
CA PHE A 11 10.96 -8.72 -4.07
C PHE A 11 9.91 -8.19 -3.10
N SER A 12 8.95 -7.43 -3.63
CA SER A 12 7.96 -6.75 -2.81
C SER A 12 6.50 -6.94 -3.22
N LYS A 13 6.26 -7.53 -4.38
CA LYS A 13 4.90 -7.50 -4.94
C LYS A 13 3.89 -8.49 -4.33
N GLY A 14 4.31 -9.23 -3.31
CA GLY A 14 3.40 -10.00 -2.48
C GLY A 14 2.64 -9.15 -1.47
N GLN A 15 2.93 -7.87 -1.41
CA GLN A 15 2.27 -6.95 -0.50
C GLN A 15 2.38 -5.50 -1.04
N PRO A 16 1.66 -4.54 -0.45
CA PRO A 16 1.60 -3.21 -1.06
C PRO A 16 2.85 -2.33 -0.94
N ARG A 17 3.55 -2.40 0.17
CA ARG A 17 4.61 -1.44 0.48
C ARG A 17 5.97 -1.80 -0.14
N GLY A 18 6.61 -0.82 -0.79
CA GLY A 18 7.73 -1.08 -1.68
C GLY A 18 9.09 -1.40 -1.09
N GLY A 19 9.40 -0.78 0.05
CA GLY A 19 10.74 -0.87 0.60
C GLY A 19 11.30 -2.22 1.01
N VAL A 20 10.47 -3.27 1.04
CA VAL A 20 10.97 -4.58 1.47
C VAL A 20 11.99 -5.15 0.48
N GLU A 21 12.01 -4.61 -0.73
CA GLU A 21 12.99 -4.98 -1.75
C GLU A 21 14.41 -4.67 -1.32
N GLU A 22 14.54 -3.73 -0.37
CA GLU A 22 15.84 -3.27 0.08
C GLU A 22 16.34 -4.13 1.23
N GLY A 23 15.55 -5.12 1.61
CA GLY A 23 15.92 -6.10 2.63
C GLY A 23 17.33 -6.69 2.48
N PRO A 24 17.61 -7.35 1.36
CA PRO A 24 18.95 -7.92 1.14
C PRO A 24 20.05 -6.88 1.29
N THR A 25 19.83 -5.68 0.75
CA THR A 25 20.84 -4.63 0.73
C THR A 25 21.25 -4.18 2.13
N VAL A 26 20.27 -3.92 2.99
CA VAL A 26 20.57 -3.36 4.29
C VAL A 26 21.15 -4.41 5.25
N LEU A 27 20.72 -5.66 5.09
CA LEU A 27 21.29 -6.76 5.84
C LEU A 27 22.75 -7.02 5.46
N ARG A 28 23.04 -7.03 4.15
CA ARG A 28 24.41 -7.15 3.68
C ARG A 28 25.29 -5.98 4.13
N LYS A 29 24.76 -4.77 4.07
CA LYS A 29 25.52 -3.60 4.48
C LYS A 29 25.70 -3.54 6.00
N ALA A 30 24.84 -4.26 6.72
CA ALA A 30 25.02 -4.45 8.16
C ALA A 30 26.20 -5.37 8.45
N GLY A 31 26.76 -5.95 7.40
CA GLY A 31 27.94 -6.78 7.54
C GLY A 31 27.63 -8.22 7.86
N LEU A 32 26.47 -8.70 7.40
CA LEU A 32 26.03 -10.07 7.66
C LEU A 32 27.00 -11.16 7.18
N LEU A 33 27.49 -11.04 5.95
CA LEU A 33 28.36 -12.06 5.39
C LEU A 33 29.67 -12.14 6.13
N GLU A 34 30.16 -10.99 6.54
CA GLU A 34 31.42 -10.89 7.25
C GLU A 34 31.27 -11.50 8.64
N LYS A 35 30.16 -11.21 9.30
CA LYS A 35 29.90 -11.70 10.64
C LYS A 35 29.71 -13.21 10.69
N LEU A 36 29.16 -13.76 9.61
CA LEU A 36 29.05 -15.20 9.46
C LEU A 36 30.43 -15.81 9.32
N LYS A 37 31.26 -15.20 8.51
CA LYS A 37 32.64 -15.63 8.36
C LYS A 37 33.42 -15.53 9.67
N GLU A 38 33.12 -14.51 10.47
CA GLU A 38 33.75 -14.32 11.78
C GLU A 38 33.39 -15.37 12.83
N GLN A 39 32.44 -16.23 12.51
CA GLN A 39 32.10 -17.34 13.39
C GLN A 39 32.50 -18.54 12.53
N GLU A 40 31.86 -19.68 12.74
CA GLU A 40 32.43 -20.90 12.17
C GLU A 40 32.29 -21.09 10.64
N CYS A 41 31.77 -20.09 9.92
CA CYS A 41 31.05 -20.36 8.67
C CYS A 41 31.76 -20.30 7.31
N ASP A 42 31.42 -21.26 6.45
CA ASP A 42 31.81 -21.30 5.04
C ASP A 42 30.66 -20.67 4.27
N VAL A 43 30.89 -19.45 3.80
CA VAL A 43 29.82 -18.67 3.15
C VAL A 43 30.09 -18.49 1.66
N LYS A 44 29.13 -18.91 0.84
CA LYS A 44 29.14 -18.55 -0.58
C LYS A 44 27.94 -17.71 -0.90
N ASP A 45 28.17 -16.62 -1.60
CA ASP A 45 27.13 -15.68 -1.95
C ASP A 45 26.70 -15.94 -3.38
N TYR A 46 25.45 -16.35 -3.55
CA TYR A 46 24.91 -16.60 -4.88
C TYR A 46 24.23 -15.34 -5.45
N GLY A 47 24.47 -14.21 -4.80
CA GLY A 47 24.04 -12.93 -5.31
C GLY A 47 22.58 -12.62 -5.09
N ASP A 48 22.14 -11.48 -5.60
CA ASP A 48 20.75 -11.06 -5.53
C ASP A 48 20.07 -11.51 -6.80
N LEU A 49 18.86 -12.05 -6.68
CA LEU A 49 18.12 -12.48 -7.86
C LEU A 49 17.59 -11.32 -8.69
N PRO A 50 17.75 -11.40 -10.01
CA PRO A 50 17.11 -10.43 -10.91
C PRO A 50 15.67 -10.82 -11.22
N PHE A 51 14.74 -10.08 -10.64
CA PHE A 51 13.33 -10.29 -10.88
C PHE A 51 12.86 -9.34 -11.96
N ALA A 52 12.60 -9.88 -13.15
CA ALA A 52 12.17 -9.07 -14.28
C ALA A 52 10.84 -8.41 -13.95
N ASP A 53 10.62 -7.26 -14.56
CA ASP A 53 9.35 -6.56 -14.44
C ASP A 53 8.34 -7.29 -15.30
N ILE A 54 7.20 -7.61 -14.71
CA ILE A 54 6.04 -8.07 -15.45
C ILE A 54 4.99 -6.98 -15.31
N PRO A 55 4.99 -6.01 -16.23
CA PRO A 55 4.11 -4.85 -16.13
C PRO A 55 2.66 -5.21 -16.38
N ASN A 56 2.42 -6.25 -17.16
CA ASN A 56 1.06 -6.73 -17.36
C ASN A 56 0.68 -7.84 -16.37
N ASP A 57 0.09 -7.40 -15.27
CA ASP A 57 -0.19 -8.28 -14.16
C ASP A 57 -1.42 -7.76 -13.43
N SER A 58 -2.58 -7.90 -14.07
CA SER A 58 -3.84 -7.47 -13.47
C SER A 58 -4.30 -8.49 -12.44
N PRO A 59 -5.10 -8.06 -11.46
CA PRO A 59 -5.48 -8.95 -10.37
C PRO A 59 -6.18 -10.19 -10.88
N PHE A 60 -5.99 -11.31 -10.19
CA PHE A 60 -6.78 -12.50 -10.41
C PHE A 60 -7.84 -12.44 -9.33
N GLN A 61 -9.06 -12.19 -9.72
CA GLN A 61 -10.10 -11.83 -8.79
C GLN A 61 -9.31 -10.82 -7.94
N ILE A 62 -9.34 -10.97 -6.64
CA ILE A 62 -8.86 -9.96 -5.70
C ILE A 62 -7.35 -10.12 -5.46
N VAL A 63 -6.80 -11.24 -5.90
CA VAL A 63 -5.38 -11.53 -5.72
C VAL A 63 -4.51 -10.60 -6.56
N LYS A 64 -3.61 -9.86 -5.92
CA LYS A 64 -2.82 -8.82 -6.58
C LYS A 64 -1.45 -9.31 -7.04
N ASN A 65 -1.04 -8.82 -8.20
CA ASN A 65 0.27 -9.13 -8.78
C ASN A 65 0.60 -10.63 -8.84
N PRO A 66 -0.34 -11.47 -9.31
CA PRO A 66 -0.12 -12.92 -9.22
C PRO A 66 1.04 -13.45 -10.08
N ARG A 67 1.23 -12.88 -11.27
CA ARG A 67 2.26 -13.35 -12.18
C ARG A 67 3.67 -13.01 -11.70
N SER A 68 3.81 -11.81 -11.12
CA SER A 68 5.08 -11.32 -10.60
C SER A 68 5.51 -12.13 -9.38
N VAL A 69 4.56 -12.34 -8.48
CA VAL A 69 4.80 -13.12 -7.28
C VAL A 69 5.12 -14.56 -7.67
N GLY A 70 4.37 -15.11 -8.60
CA GLY A 70 4.57 -16.48 -9.01
C GLY A 70 5.92 -16.73 -9.65
N LYS A 71 6.32 -15.83 -10.55
CA LYS A 71 7.62 -15.90 -11.22
C LYS A 71 8.79 -15.72 -10.26
N ALA A 72 8.65 -14.80 -9.32
CA ALA A 72 9.71 -14.57 -8.33
C ALA A 72 9.96 -15.83 -7.52
N SER A 73 8.89 -16.47 -7.08
CA SER A 73 8.99 -17.72 -6.35
C SER A 73 9.49 -18.86 -7.24
N GLU A 74 9.06 -18.91 -8.49
CA GLU A 74 9.59 -19.91 -9.41
C GLU A 74 11.10 -19.78 -9.54
N GLN A 75 11.57 -18.55 -9.71
CA GLN A 75 13.00 -18.28 -9.85
C GLN A 75 13.72 -18.67 -8.58
N LEU A 76 13.15 -18.27 -7.46
CA LEU A 76 13.78 -18.54 -6.16
C LEU A 76 13.88 -20.03 -5.87
N ALA A 77 12.85 -20.78 -6.24
CA ALA A 77 12.88 -22.24 -6.06
C ALA A 77 14.05 -22.86 -6.80
N GLY A 78 14.31 -22.39 -8.01
CA GLY A 78 15.42 -22.87 -8.79
C GLY A 78 16.75 -22.59 -8.12
N LYS A 79 16.91 -21.39 -7.59
CA LYS A 79 18.17 -21.05 -6.93
C LYS A 79 18.36 -21.81 -5.62
N VAL A 80 17.31 -21.88 -4.80
CA VAL A 80 17.37 -22.68 -3.56
C VAL A 80 17.75 -24.14 -3.81
N ALA A 81 17.10 -24.79 -4.78
CA ALA A 81 17.46 -26.15 -5.15
C ALA A 81 18.92 -26.25 -5.60
N GLU A 82 19.40 -25.22 -6.28
CA GLU A 82 20.79 -25.20 -6.72
C GLU A 82 21.76 -25.15 -5.53
N VAL A 83 21.47 -24.29 -4.55
CA VAL A 83 22.35 -24.18 -3.39
C VAL A 83 22.28 -25.46 -2.55
N LYS A 84 21.11 -26.09 -2.48
CA LYS A 84 20.96 -27.33 -1.73
C LYS A 84 21.75 -28.48 -2.37
N LYS A 85 21.72 -28.55 -3.69
CA LYS A 85 22.50 -29.56 -4.41
C LYS A 85 23.99 -29.36 -4.19
N ASN A 86 24.39 -28.14 -3.87
CA ASN A 86 25.77 -27.83 -3.57
C ASN A 86 26.14 -28.08 -2.12
N GLY A 87 25.25 -28.72 -1.37
CA GLY A 87 25.56 -29.10 -0.01
C GLY A 87 25.60 -27.95 0.99
N ARG A 88 24.83 -26.91 0.71
CA ARG A 88 24.84 -25.72 1.56
C ARG A 88 23.46 -25.44 2.14
N ILE A 89 23.43 -24.78 3.29
CA ILE A 89 22.19 -24.27 3.87
C ILE A 89 21.79 -23.02 3.12
N SER A 90 20.61 -23.00 2.50
CA SER A 90 20.15 -21.82 1.78
C SER A 90 19.73 -20.75 2.76
N LEU A 91 20.26 -19.55 2.57
CA LEU A 91 19.88 -18.40 3.36
C LEU A 91 19.29 -17.37 2.43
N VAL A 92 17.97 -17.27 2.48
CA VAL A 92 17.25 -16.32 1.66
C VAL A 92 16.97 -15.04 2.42
N LEU A 93 17.48 -13.94 1.89
CA LEU A 93 17.20 -12.63 2.45
C LEU A 93 16.06 -12.01 1.67
N GLY A 94 14.94 -11.80 2.32
CA GLY A 94 13.80 -11.18 1.66
C GLY A 94 13.85 -9.67 1.78
N GLY A 95 12.89 -9.00 1.14
CA GLY A 95 11.82 -9.64 0.39
C GLY A 95 10.60 -9.97 1.22
N ASP A 96 9.42 -9.91 0.60
CA ASP A 96 8.19 -10.28 1.31
C ASP A 96 7.99 -11.80 1.42
N HIS A 97 7.09 -12.21 2.29
CA HIS A 97 6.95 -13.61 2.65
C HIS A 97 6.31 -14.51 1.59
N SER A 98 5.85 -13.92 0.49
CA SER A 98 5.27 -14.74 -0.57
C SER A 98 6.36 -15.63 -1.15
N LEU A 99 7.61 -15.19 -1.01
CA LEU A 99 8.77 -15.91 -1.52
C LEU A 99 8.96 -17.26 -0.85
N ALA A 100 8.32 -17.46 0.29
CA ALA A 100 8.37 -18.74 0.97
C ALA A 100 7.83 -19.87 0.09
N ILE A 101 6.93 -19.54 -0.84
CA ILE A 101 6.47 -20.54 -1.80
C ILE A 101 7.66 -21.08 -2.58
N GLY A 102 8.52 -20.17 -3.03
CA GLY A 102 9.67 -20.58 -3.81
C GLY A 102 10.74 -21.25 -2.97
N SER A 103 10.99 -20.68 -1.80
CA SER A 103 12.05 -21.18 -0.92
C SER A 103 11.77 -22.59 -0.46
N ILE A 104 10.57 -22.82 0.07
CA ILE A 104 10.22 -24.14 0.54
C ILE A 104 10.12 -25.13 -0.62
N SER A 105 9.56 -24.69 -1.75
CA SER A 105 9.40 -25.58 -2.90
C SER A 105 10.74 -26.06 -3.43
N GLY A 106 11.70 -25.16 -3.59
CA GLY A 106 13.01 -25.53 -4.07
C GLY A 106 13.77 -26.42 -3.11
N HIS A 107 13.68 -26.10 -1.82
CA HIS A 107 14.31 -26.90 -0.77
C HIS A 107 13.78 -28.32 -0.83
N ALA A 108 12.47 -28.45 -0.95
CA ALA A 108 11.78 -29.72 -0.92
C ALA A 108 12.07 -30.59 -2.13
N ARG A 109 12.52 -29.97 -3.23
CA ARG A 109 12.94 -30.73 -4.41
C ARG A 109 14.13 -31.59 -4.08
N VAL A 110 15.06 -31.02 -3.31
CA VAL A 110 16.25 -31.74 -2.90
C VAL A 110 16.02 -32.55 -1.62
N HIS A 111 15.27 -32.02 -0.67
CA HIS A 111 14.97 -32.73 0.57
C HIS A 111 13.46 -32.83 0.83
N PRO A 112 12.79 -33.80 0.20
CA PRO A 112 11.32 -33.93 0.28
C PRO A 112 10.81 -34.19 1.70
N ASP A 113 11.70 -34.57 2.61
CA ASP A 113 11.31 -34.94 3.97
C ASP A 113 11.43 -33.79 4.97
N LEU A 114 11.58 -32.58 4.47
CA LEU A 114 11.76 -31.43 5.36
C LEU A 114 10.56 -31.15 6.28
N GLY A 115 10.85 -30.58 7.43
CA GLY A 115 9.83 -30.09 8.33
C GLY A 115 10.02 -28.60 8.40
N VAL A 116 8.93 -27.86 8.55
CA VAL A 116 9.00 -26.40 8.51
C VAL A 116 8.66 -25.81 9.86
N ILE A 117 9.49 -24.88 10.33
CA ILE A 117 9.13 -24.06 11.48
C ILE A 117 8.86 -22.65 10.98
N TRP A 118 7.69 -22.12 11.30
CA TRP A 118 7.23 -20.83 10.77
C TRP A 118 7.07 -19.85 11.91
N VAL A 119 7.97 -18.88 12.00
CA VAL A 119 7.96 -17.91 13.08
C VAL A 119 7.35 -16.62 12.54
N ASP A 120 6.21 -16.22 13.10
CA ASP A 120 5.40 -15.19 12.47
C ASP A 120 4.25 -14.77 13.38
N ALA A 121 3.79 -13.53 13.25
CA ALA A 121 2.58 -13.08 13.91
C ALA A 121 1.36 -13.62 13.18
N HIS A 122 1.59 -14.06 11.95
CA HIS A 122 0.53 -14.47 11.05
C HIS A 122 0.73 -15.91 10.60
N THR A 123 -0.36 -16.57 10.19
CA THR A 123 -0.30 -17.93 9.69
C THR A 123 0.03 -17.99 8.20
N ASP A 124 -0.20 -16.89 7.49
CA ASP A 124 0.07 -16.83 6.06
C ASP A 124 -0.53 -17.99 5.29
N ILE A 125 -1.75 -18.37 5.64
CA ILE A 125 -2.35 -19.59 5.12
C ILE A 125 -3.69 -19.33 4.43
N ASN A 126 -4.02 -18.06 4.18
CA ASN A 126 -5.16 -17.75 3.34
C ASN A 126 -4.99 -18.38 1.97
N THR A 127 -6.10 -18.84 1.39
CA THR A 127 -6.08 -19.26 0.00
C THR A 127 -6.42 -18.05 -0.86
N PRO A 128 -6.24 -18.17 -2.19
CA PRO A 128 -6.71 -17.08 -3.06
C PRO A 128 -8.20 -16.81 -2.91
N LEU A 129 -8.94 -17.75 -2.33
CA LEU A 129 -10.37 -17.61 -2.14
C LEU A 129 -10.75 -17.07 -0.76
N THR A 130 -9.92 -17.31 0.24
CA THR A 130 -10.27 -16.85 1.58
C THR A 130 -9.71 -15.47 1.90
N THR A 131 -8.65 -15.08 1.20
CA THR A 131 -8.02 -13.79 1.42
C THR A 131 -9.03 -12.64 1.25
N THR A 132 -8.94 -11.64 2.12
CA THR A 132 -9.74 -10.43 1.94
C THR A 132 -8.86 -9.25 1.53
N SER A 133 -7.55 -9.43 1.61
CA SER A 133 -6.62 -8.38 1.23
C SER A 133 -6.15 -8.59 -0.21
N GLY A 134 -6.00 -9.85 -0.60
CA GLY A 134 -5.44 -10.17 -1.91
C GLY A 134 -3.92 -10.14 -1.96
N ASN A 135 -3.29 -9.82 -0.84
CA ASN A 135 -1.84 -9.75 -0.77
C ASN A 135 -1.24 -11.14 -0.62
N LEU A 136 -0.38 -11.54 -1.55
CA LEU A 136 0.08 -12.93 -1.61
C LEU A 136 1.05 -13.34 -0.50
N HIS A 137 1.61 -12.37 0.20
CA HIS A 137 2.48 -12.69 1.34
C HIS A 137 1.67 -13.25 2.52
N GLY A 138 0.34 -13.13 2.44
CA GLY A 138 -0.53 -13.69 3.45
C GLY A 138 -1.13 -15.03 3.05
N GLN A 139 -0.62 -15.57 1.95
CA GLN A 139 -1.12 -16.81 1.36
C GLN A 139 -0.13 -17.97 1.12
N PRO A 140 1.20 -17.78 1.36
CA PRO A 140 2.11 -18.82 0.83
C PRO A 140 1.89 -20.24 1.35
N VAL A 141 1.48 -20.40 2.59
CA VAL A 141 1.36 -21.73 3.15
C VAL A 141 0.27 -22.53 2.46
N SER A 142 -0.79 -21.86 2.03
CA SER A 142 -1.87 -22.56 1.35
C SER A 142 -1.42 -23.19 0.05
N PHE A 143 -0.43 -22.60 -0.60
CA PHE A 143 0.09 -23.12 -1.87
C PHE A 143 0.99 -24.35 -1.67
N LEU A 144 1.49 -24.52 -0.45
CA LEU A 144 2.47 -25.56 -0.16
C LEU A 144 1.83 -26.83 0.40
N LEU A 145 0.66 -26.69 1.02
CA LEU A 145 0.02 -27.80 1.71
C LEU A 145 -0.73 -28.72 0.77
N LYS A 146 -0.41 -30.01 0.86
CA LYS A 146 -1.03 -31.01 0.00
C LYS A 146 -2.53 -31.10 0.22
N GLU A 147 -2.94 -30.99 1.49
CA GLU A 147 -4.34 -31.11 1.90
C GLU A 147 -5.24 -30.09 1.24
N LEU A 148 -4.65 -28.98 0.78
CA LEU A 148 -5.43 -27.88 0.23
C LEU A 148 -5.39 -27.82 -1.29
N LYS A 149 -4.88 -28.85 -1.94
CA LYS A 149 -4.96 -28.86 -3.40
C LYS A 149 -6.41 -29.10 -3.77
N GLY A 150 -6.87 -28.43 -4.81
CA GLY A 150 -8.26 -28.51 -5.17
C GLY A 150 -9.07 -27.46 -4.45
N LYS A 151 -8.40 -26.74 -3.55
CA LYS A 151 -8.98 -25.56 -2.92
C LYS A 151 -8.30 -24.31 -3.46
N ILE A 152 -7.13 -24.50 -4.06
CA ILE A 152 -6.41 -23.38 -4.65
C ILE A 152 -6.74 -23.31 -6.14
N PRO A 153 -7.26 -22.16 -6.60
CA PRO A 153 -7.60 -21.95 -8.01
C PRO A 153 -6.36 -21.85 -8.88
N ASP A 154 -6.53 -21.99 -10.18
CA ASP A 154 -5.43 -21.84 -11.10
C ASP A 154 -5.06 -20.37 -11.24
N VAL A 155 -4.27 -19.89 -10.29
CA VAL A 155 -3.80 -18.52 -10.31
C VAL A 155 -2.67 -18.36 -11.33
N PRO A 156 -2.79 -17.39 -12.24
CA PRO A 156 -1.75 -17.16 -13.24
C PRO A 156 -0.40 -16.93 -12.57
N GLY A 157 0.62 -17.65 -13.02
CA GLY A 157 1.94 -17.54 -12.44
C GLY A 157 2.32 -18.69 -11.55
N PHE A 158 1.35 -19.50 -11.15
CA PHE A 158 1.61 -20.56 -10.19
C PHE A 158 1.38 -21.97 -10.70
N SER A 159 1.39 -22.17 -12.02
CA SER A 159 1.15 -23.50 -12.58
C SER A 159 2.28 -24.46 -12.26
N TRP A 160 3.45 -23.91 -11.95
CA TRP A 160 4.64 -24.70 -11.64
C TRP A 160 4.60 -25.28 -10.23
N VAL A 161 3.71 -24.76 -9.40
CA VAL A 161 3.68 -25.14 -7.99
C VAL A 161 3.11 -26.53 -7.80
N THR A 162 3.87 -27.36 -7.10
CA THR A 162 3.38 -28.64 -6.63
C THR A 162 3.54 -28.67 -5.13
N PRO A 163 2.42 -28.77 -4.39
CA PRO A 163 2.48 -28.73 -2.93
C PRO A 163 3.39 -29.81 -2.41
N CYS A 164 4.22 -29.46 -1.42
CA CYS A 164 5.32 -30.32 -1.02
C CYS A 164 5.35 -30.66 0.47
N ILE A 165 4.39 -30.16 1.24
CA ILE A 165 4.32 -30.48 2.67
C ILE A 165 2.91 -30.86 3.09
N SER A 166 2.80 -31.70 4.12
CA SER A 166 1.53 -32.07 4.70
C SER A 166 1.29 -31.26 5.96
N ALA A 167 0.06 -31.32 6.49
CA ALA A 167 -0.31 -30.56 7.67
C ALA A 167 0.62 -30.85 8.84
N LYS A 168 1.14 -32.06 8.89
CA LYS A 168 1.95 -32.49 10.02
C LYS A 168 3.39 -31.98 9.96
N ASP A 169 3.78 -31.38 8.84
CA ASP A 169 5.17 -31.05 8.64
C ASP A 169 5.50 -29.59 8.92
N ILE A 170 4.56 -28.89 9.54
CA ILE A 170 4.78 -27.49 9.86
C ILE A 170 4.36 -27.17 11.30
N VAL A 171 5.16 -26.34 11.96
CA VAL A 171 4.80 -25.82 13.27
C VAL A 171 4.91 -24.30 13.24
N TYR A 172 3.87 -23.61 13.68
CA TYR A 172 3.87 -22.16 13.81
C TYR A 172 4.31 -21.75 15.20
N ILE A 173 5.11 -20.70 15.28
CA ILE A 173 5.40 -20.08 16.57
C ILE A 173 5.23 -18.57 16.45
N GLY A 174 4.41 -17.98 17.30
CA GLY A 174 4.33 -16.53 17.40
C GLY A 174 3.00 -15.89 17.04
N LEU A 175 2.03 -16.72 16.68
CA LEU A 175 0.75 -16.24 16.14
C LEU A 175 -0.16 -15.42 17.03
N ARG A 176 -0.46 -14.22 16.55
CA ARG A 176 -1.36 -13.32 17.26
C ARG A 176 -2.26 -12.44 16.38
N ASP A 177 -2.25 -12.66 15.07
CA ASP A 177 -3.21 -12.00 14.19
C ASP A 177 -3.62 -12.93 13.06
N VAL A 178 -4.62 -13.76 13.33
CA VAL A 178 -5.00 -14.84 12.45
C VAL A 178 -6.41 -14.59 11.93
N ASP A 179 -6.56 -14.58 10.59
CA ASP A 179 -7.86 -14.32 9.97
C ASP A 179 -8.81 -15.48 10.24
N PRO A 180 -10.13 -15.23 10.20
CA PRO A 180 -11.08 -16.32 10.50
C PRO A 180 -10.95 -17.53 9.57
N GLY A 181 -10.77 -17.31 8.28
CA GLY A 181 -10.61 -18.41 7.35
C GLY A 181 -9.36 -19.20 7.66
N GLU A 182 -8.30 -18.48 8.01
CA GLU A 182 -7.05 -19.10 8.41
C GLU A 182 -7.22 -19.95 9.67
N HIS A 183 -7.93 -19.43 10.66
CA HIS A 183 -8.17 -20.17 11.88
C HIS A 183 -8.99 -21.42 11.60
N TYR A 184 -9.96 -21.30 10.71
CA TYR A 184 -10.70 -22.48 10.25
C TYR A 184 -9.78 -23.56 9.67
N ILE A 185 -8.89 -23.17 8.78
CA ILE A 185 -7.94 -24.12 8.17
C ILE A 185 -7.02 -24.74 9.22
N LEU A 186 -6.53 -23.91 10.12
CA LEU A 186 -5.63 -24.33 11.19
C LEU A 186 -6.24 -25.45 12.02
N LYS A 187 -7.49 -25.25 12.41
CA LYS A 187 -8.21 -26.19 13.25
C LYS A 187 -8.68 -27.40 12.47
N THR A 188 -9.09 -27.18 11.23
CA THR A 188 -9.56 -28.27 10.39
C THR A 188 -8.46 -29.28 10.04
N LEU A 189 -7.28 -28.76 9.72
CA LEU A 189 -6.16 -29.59 9.28
C LEU A 189 -5.32 -30.11 10.43
N GLY A 190 -5.58 -29.61 11.63
CA GLY A 190 -4.88 -30.09 12.81
C GLY A 190 -3.41 -29.72 12.87
N ILE A 191 -3.07 -28.60 12.25
CA ILE A 191 -1.71 -28.09 12.26
C ILE A 191 -1.25 -27.72 13.67
N LYS A 192 -0.02 -28.08 14.00
CA LYS A 192 0.57 -27.76 15.29
C LYS A 192 0.96 -26.30 15.33
N TYR A 193 0.52 -25.58 16.35
CA TYR A 193 0.83 -24.18 16.48
C TYR A 193 1.05 -23.75 17.93
N PHE A 194 1.92 -22.77 18.12
CA PHE A 194 2.11 -22.13 19.41
C PHE A 194 1.88 -20.64 19.19
N SER A 195 0.64 -20.20 19.41
CA SER A 195 0.32 -18.79 19.34
C SER A 195 0.94 -18.13 20.54
N MET A 196 0.83 -16.80 20.64
CA MET A 196 1.42 -16.11 21.76
C MET A 196 0.78 -16.60 23.06
N THR A 197 -0.47 -17.02 22.98
CA THR A 197 -1.14 -17.62 24.13
C THR A 197 -0.41 -18.84 24.67
N GLU A 198 0.02 -19.74 23.79
CA GLU A 198 0.78 -20.93 24.18
C GLU A 198 2.15 -20.58 24.71
N VAL A 199 2.81 -19.60 24.08
CA VAL A 199 4.12 -19.16 24.54
C VAL A 199 3.99 -18.59 25.94
N ASP A 200 2.94 -17.81 26.19
CA ASP A 200 2.66 -17.28 27.52
C ASP A 200 2.40 -18.40 28.51
N ARG A 201 1.62 -19.39 28.09
CA ARG A 201 1.27 -20.52 28.94
C ARG A 201 2.46 -21.37 29.33
N LEU A 202 3.25 -21.75 28.35
CA LEU A 202 4.26 -22.78 28.50
C LEU A 202 5.67 -22.26 28.71
N GLY A 203 5.96 -21.08 28.19
CA GLY A 203 7.30 -20.53 28.19
C GLY A 203 7.98 -21.00 26.93
N ILE A 204 8.91 -20.20 26.40
CA ILE A 204 9.56 -20.55 25.14
C ILE A 204 10.40 -21.83 25.25
N GLY A 205 10.86 -22.13 26.46
CA GLY A 205 11.61 -23.35 26.68
C GLY A 205 10.83 -24.59 26.30
N LYS A 206 9.63 -24.71 26.84
CA LYS A 206 8.77 -25.86 26.56
C LYS A 206 8.28 -25.84 25.12
N VAL A 207 8.03 -24.64 24.60
CA VAL A 207 7.61 -24.49 23.21
C VAL A 207 8.63 -25.11 22.26
N MET A 208 9.91 -24.79 22.46
CA MET A 208 10.94 -25.34 21.59
C MET A 208 11.11 -26.84 21.77
N GLU A 209 11.04 -27.31 23.01
CA GLU A 209 11.13 -28.74 23.27
C GLU A 209 10.01 -29.46 22.54
N GLU A 210 8.79 -28.98 22.69
CA GLU A 210 7.64 -29.59 22.02
C GLU A 210 7.75 -29.50 20.52
N THR A 211 8.18 -28.35 20.02
CA THR A 211 8.32 -28.13 18.59
C THR A 211 9.28 -29.12 17.95
N LEU A 212 10.46 -29.27 18.54
CA LEU A 212 11.49 -30.10 17.94
C LEU A 212 11.17 -31.56 18.13
N SER A 213 10.54 -31.91 19.24
CA SER A 213 10.15 -33.29 19.48
C SER A 213 9.07 -33.67 18.48
N TYR A 214 8.16 -32.74 18.23
CA TYR A 214 7.09 -32.95 17.26
C TYR A 214 7.63 -33.25 15.88
N LEU A 215 8.57 -32.43 15.42
CA LEU A 215 9.07 -32.56 14.06
C LEU A 215 10.14 -33.64 13.89
N LEU A 216 10.89 -33.92 14.96
CA LEU A 216 12.09 -34.75 14.85
C LEU A 216 12.02 -36.03 15.66
N GLY A 217 10.95 -36.18 16.44
CA GLY A 217 10.81 -37.31 17.33
C GLY A 217 10.89 -38.64 16.60
N ARG A 218 10.11 -38.79 15.55
CA ARG A 218 10.09 -40.04 14.79
C ARG A 218 11.42 -40.30 14.09
N LYS A 219 11.83 -39.31 13.30
CA LYS A 219 12.97 -39.45 12.42
C LYS A 219 13.66 -38.10 12.27
N LYS A 220 15.00 -38.10 12.31
CA LYS A 220 15.74 -36.88 12.01
C LYS A 220 15.49 -36.51 10.54
N ARG A 221 15.40 -35.21 10.28
CA ARG A 221 15.05 -34.70 8.96
C ARG A 221 15.48 -33.26 8.84
N PRO A 222 15.60 -32.75 7.60
CA PRO A 222 16.04 -31.37 7.43
C PRO A 222 14.99 -30.38 7.92
N ILE A 223 15.45 -29.32 8.55
CA ILE A 223 14.56 -28.27 9.04
C ILE A 223 14.60 -27.05 8.13
N HIS A 224 13.43 -26.56 7.77
CA HIS A 224 13.31 -25.27 7.11
C HIS A 224 12.71 -24.25 8.05
N LEU A 225 13.48 -23.23 8.40
CA LEU A 225 12.96 -22.14 9.24
C LEU A 225 12.59 -20.93 8.41
N SER A 226 11.31 -20.58 8.39
CA SER A 226 10.87 -19.39 7.69
C SER A 226 10.56 -18.34 8.73
N PHE A 227 11.42 -17.33 8.80
CA PHE A 227 11.35 -16.34 9.87
C PHE A 227 10.86 -14.98 9.36
N ASP A 228 9.64 -14.64 9.71
CA ASP A 228 9.08 -13.32 9.41
C ASP A 228 9.48 -12.44 10.58
N VAL A 229 10.16 -11.33 10.30
CA VAL A 229 10.63 -10.48 11.39
C VAL A 229 9.49 -9.91 12.21
N ASP A 230 8.27 -9.89 11.67
CA ASP A 230 7.12 -9.45 12.45
C ASP A 230 6.67 -10.46 13.51
N GLY A 231 7.30 -11.63 13.53
CA GLY A 231 7.09 -12.57 14.62
C GLY A 231 7.52 -11.96 15.94
N LEU A 232 8.62 -11.23 15.91
CA LEU A 232 9.08 -10.50 17.09
C LEU A 232 8.28 -9.24 17.29
N ASP A 233 8.23 -8.78 18.54
CA ASP A 233 7.49 -7.58 18.89
C ASP A 233 8.05 -6.41 18.10
N PRO A 234 7.19 -5.47 17.70
CA PRO A 234 7.62 -4.25 17.01
C PRO A 234 8.58 -3.36 17.82
N SER A 235 8.73 -3.60 19.11
CA SER A 235 9.74 -2.89 19.88
C SER A 235 11.13 -3.35 19.48
N PHE A 236 11.22 -4.48 18.79
CA PHE A 236 12.49 -5.01 18.32
C PHE A 236 12.63 -4.95 16.79
N THR A 237 11.53 -5.17 16.08
CA THR A 237 11.55 -5.11 14.63
C THR A 237 10.44 -4.21 14.09
N PRO A 238 10.56 -2.90 14.30
CA PRO A 238 9.49 -2.00 13.87
C PRO A 238 9.41 -1.77 12.37
N ALA A 239 10.53 -1.88 11.66
CA ALA A 239 10.53 -1.55 10.23
C ALA A 239 10.10 -2.76 9.43
N THR A 240 8.79 -2.99 9.47
CA THR A 240 8.19 -4.14 8.80
C THR A 240 6.74 -3.77 8.48
N GLY A 241 6.16 -4.44 7.50
CA GLY A 241 4.90 -4.01 6.92
C GLY A 241 3.65 -4.26 7.73
N THR A 242 3.61 -5.36 8.45
CA THR A 242 2.42 -5.70 9.22
C THR A 242 2.76 -6.01 10.67
N PRO A 243 3.20 -5.00 11.43
CA PRO A 243 3.60 -5.23 12.81
C PRO A 243 2.39 -5.48 13.69
N VAL A 244 2.53 -6.35 14.69
CA VAL A 244 1.47 -6.61 15.66
C VAL A 244 2.07 -6.59 17.06
N VAL A 245 1.45 -5.84 17.97
CA VAL A 245 1.97 -5.72 19.33
C VAL A 245 1.83 -7.04 20.09
N GLY A 246 2.59 -7.18 21.17
CA GLY A 246 2.55 -8.39 21.98
C GLY A 246 3.31 -9.57 21.41
N GLY A 247 4.43 -9.30 20.76
CA GLY A 247 5.17 -10.33 20.07
C GLY A 247 6.23 -11.02 20.90
N LEU A 248 6.92 -11.96 20.25
CA LEU A 248 8.04 -12.64 20.84
C LEU A 248 9.12 -11.62 21.16
N THR A 249 9.83 -11.84 22.25
CA THR A 249 10.88 -10.92 22.61
C THR A 249 12.13 -11.23 21.80
N TYR A 250 13.08 -10.31 21.85
CA TYR A 250 14.41 -10.52 21.31
C TYR A 250 14.99 -11.81 21.86
N ARG A 251 14.91 -11.97 23.19
CA ARG A 251 15.41 -13.16 23.86
C ARG A 251 14.73 -14.43 23.34
N GLU A 252 13.41 -14.40 23.23
CA GLU A 252 12.70 -15.56 22.69
C GLU A 252 13.12 -15.87 21.26
N GLY A 253 13.39 -14.83 20.47
CA GLY A 253 13.84 -15.02 19.11
C GLY A 253 15.18 -15.71 19.02
N LEU A 254 16.11 -15.30 19.87
CA LEU A 254 17.41 -15.93 19.94
C LEU A 254 17.32 -17.34 20.51
N TYR A 255 16.42 -17.57 21.45
CA TYR A 255 16.27 -18.92 22.00
C TYR A 255 15.78 -19.91 20.95
N ILE A 256 14.78 -19.49 20.19
CA ILE A 256 14.25 -20.31 19.11
C ILE A 256 15.35 -20.75 18.14
N THR A 257 16.16 -19.79 17.73
CA THR A 257 17.17 -20.00 16.71
C THR A 257 18.42 -20.71 17.26
N GLU A 258 18.77 -20.47 18.51
CA GLU A 258 19.85 -21.22 19.15
C GLU A 258 19.49 -22.69 19.22
N GLU A 259 18.28 -22.98 19.70
CA GLU A 259 17.83 -24.37 19.81
C GLU A 259 17.76 -25.07 18.46
N ILE A 260 17.36 -24.33 17.43
CA ILE A 260 17.30 -24.87 16.07
C ILE A 260 18.69 -25.17 15.53
N TYR A 261 19.62 -24.24 15.74
CA TYR A 261 21.01 -24.47 15.34
C TYR A 261 21.55 -25.77 15.93
N LYS A 262 21.31 -25.96 17.22
CA LYS A 262 21.90 -27.07 17.97
C LYS A 262 21.41 -28.45 17.54
N THR A 263 20.30 -28.51 16.80
CA THR A 263 19.85 -29.78 16.26
C THR A 263 20.80 -30.29 15.18
N GLY A 264 21.54 -29.38 14.56
CA GLY A 264 22.43 -29.73 13.47
C GLY A 264 21.67 -30.03 12.21
N LEU A 265 20.37 -29.77 12.23
CA LEU A 265 19.51 -30.12 11.10
C LEU A 265 18.97 -28.92 10.32
N LEU A 266 19.38 -27.70 10.64
CA LEU A 266 18.89 -26.58 9.84
C LEU A 266 19.40 -26.72 8.42
N SER A 267 18.49 -26.57 7.48
CA SER A 267 18.73 -26.92 6.09
C SER A 267 18.34 -25.75 5.18
N GLY A 268 17.37 -24.97 5.62
CA GLY A 268 16.93 -23.81 4.85
C GLY A 268 16.48 -22.72 5.80
N LEU A 269 16.81 -21.48 5.45
CA LEU A 269 16.45 -20.34 6.29
C LEU A 269 15.94 -19.16 5.44
N ASP A 270 14.82 -18.56 5.87
CA ASP A 270 14.25 -17.36 5.25
C ASP A 270 14.26 -16.27 6.31
N ILE A 271 14.80 -15.10 5.96
CA ILE A 271 14.76 -13.93 6.84
C ILE A 271 13.96 -12.86 6.10
N MET A 272 12.69 -12.73 6.46
CA MET A 272 11.73 -12.04 5.62
C MET A 272 11.07 -10.82 6.23
N GLU A 273 10.63 -9.92 5.34
CA GLU A 273 9.77 -8.79 5.66
C GLU A 273 10.46 -7.60 6.35
N VAL A 274 11.78 -7.53 6.25
CA VAL A 274 12.48 -6.32 6.67
C VAL A 274 12.24 -5.20 5.65
N ASN A 275 11.61 -4.11 6.08
CA ASN A 275 11.36 -2.96 5.22
C ASN A 275 11.92 -1.70 5.83
N PRO A 276 13.15 -1.34 5.45
CA PRO A 276 13.82 -0.19 6.07
C PRO A 276 13.07 1.13 5.86
N SER A 277 12.30 1.23 4.79
CA SER A 277 11.58 2.46 4.49
C SER A 277 10.41 2.70 5.44
N LEU A 278 10.07 1.72 6.25
CA LEU A 278 8.95 1.84 7.18
C LEU A 278 9.39 2.23 8.58
N GLY A 279 10.70 2.35 8.78
CA GLY A 279 11.22 2.84 10.05
C GLY A 279 10.87 4.30 10.23
N LYS A 280 10.27 4.62 11.38
CA LYS A 280 9.90 6.00 11.69
C LYS A 280 11.12 6.89 11.95
N THR A 281 12.24 6.26 12.27
CA THR A 281 13.49 6.97 12.53
C THR A 281 14.60 6.10 11.99
N PRO A 282 15.79 6.68 11.76
CA PRO A 282 16.97 5.87 11.41
C PRO A 282 17.26 4.78 12.44
N GLU A 283 17.06 5.08 13.71
CA GLU A 283 17.33 4.09 14.75
C GLU A 283 16.40 2.89 14.65
N GLU A 284 15.16 3.12 14.26
CA GLU A 284 14.22 2.02 14.09
C GLU A 284 14.66 1.06 13.00
N VAL A 285 15.18 1.59 11.90
CA VAL A 285 15.74 0.77 10.83
C VAL A 285 16.92 -0.02 11.36
N THR A 286 17.85 0.68 11.99
CA THR A 286 19.03 0.06 12.57
C THR A 286 18.65 -1.06 13.53
N ARG A 287 17.66 -0.81 14.39
CA ARG A 287 17.24 -1.78 15.39
C ARG A 287 16.67 -3.04 14.75
N THR A 288 15.87 -2.83 13.71
CA THR A 288 15.27 -3.92 12.97
C THR A 288 16.30 -4.77 12.25
N VAL A 289 17.19 -4.12 11.52
CA VAL A 289 18.28 -4.80 10.83
C VAL A 289 19.23 -5.49 11.80
N ASN A 290 19.60 -4.82 12.89
CA ASN A 290 20.44 -5.42 13.91
C ASN A 290 19.84 -6.69 14.48
N THR A 291 18.56 -6.64 14.78
CA THR A 291 17.85 -7.79 15.33
C THR A 291 17.83 -8.93 14.33
N ALA A 292 17.48 -8.64 13.07
CA ALA A 292 17.48 -9.65 12.01
C ALA A 292 18.84 -10.33 11.83
N VAL A 293 19.90 -9.54 11.88
CA VAL A 293 21.25 -10.08 11.80
C VAL A 293 21.56 -10.98 12.99
N ALA A 294 21.19 -10.54 14.19
CA ALA A 294 21.39 -11.32 15.40
C ALA A 294 20.70 -12.68 15.34
N ILE A 295 19.46 -12.66 14.86
CA ILE A 295 18.68 -13.87 14.65
C ILE A 295 19.38 -14.81 13.69
N THR A 296 19.87 -14.26 12.59
CA THR A 296 20.57 -15.05 11.59
C THR A 296 21.83 -15.68 12.15
N LEU A 297 22.63 -14.90 12.88
CA LEU A 297 23.87 -15.39 13.45
C LEU A 297 23.63 -16.53 14.44
N ALA A 298 22.54 -16.45 15.20
CA ALA A 298 22.20 -17.53 16.11
C ALA A 298 21.89 -18.82 15.34
N CYS A 299 21.26 -18.71 14.18
CA CYS A 299 20.92 -19.88 13.37
C CYS A 299 22.16 -20.64 12.93
N PHE A 300 23.30 -19.97 12.91
CA PHE A 300 24.53 -20.58 12.43
C PHE A 300 25.62 -20.64 13.50
N GLY A 301 25.21 -20.68 14.76
CA GLY A 301 26.09 -21.09 15.83
C GLY A 301 26.46 -20.10 16.90
N LEU A 302 26.10 -18.84 16.73
CA LEU A 302 26.45 -17.84 17.75
C LEU A 302 25.58 -18.08 18.96
N ALA A 303 26.22 -18.40 20.08
CA ALA A 303 25.51 -18.74 21.32
C ALA A 303 25.73 -17.67 22.37
N ARG A 304 24.67 -17.33 23.10
CA ARG A 304 24.79 -16.33 24.15
C ARG A 304 25.75 -16.73 25.29
N GLU A 305 25.90 -18.03 25.55
CA GLU A 305 26.83 -18.49 26.57
C GLU A 305 28.29 -18.29 26.18
N GLY A 306 28.54 -18.06 24.90
CA GLY A 306 29.89 -17.96 24.41
C GLY A 306 30.22 -19.07 23.42
N ASN A 307 31.28 -18.83 22.64
CA ASN A 307 31.75 -19.74 21.62
C ASN A 307 33.25 -19.76 21.73
N HIS A 308 33.88 -20.90 21.42
CA HIS A 308 35.33 -20.93 21.31
C HIS A 308 35.82 -21.99 20.33
N LYS A 309 36.99 -21.76 19.76
CA LYS A 309 37.56 -22.67 18.78
C LYS A 309 38.12 -23.89 19.51
N PRO A 310 38.30 -25.01 18.79
CA PRO A 310 38.79 -26.21 19.47
C PRO A 310 40.29 -26.19 19.74
N ILE A 311 40.72 -25.28 20.63
CA ILE A 311 42.10 -25.21 21.09
C ILE A 311 42.14 -24.93 22.59
N ASP A 312 43.35 -24.90 23.15
CA ASP A 312 43.55 -24.56 24.56
C ASP A 312 43.80 -23.07 24.63
N TYR A 313 42.83 -22.31 25.13
CA TYR A 313 42.99 -20.87 25.26
C TYR A 313 43.97 -20.44 26.36
N LEU A 314 44.28 -21.33 27.29
CA LEU A 314 45.19 -20.97 28.40
C LEU A 314 46.66 -21.28 28.11
N SER B 1 -32.72 8.91 -5.93
CA SER B 1 -32.27 10.13 -6.59
C SER B 1 -30.99 10.67 -5.99
N ARG B 2 -30.51 11.75 -6.60
CA ARG B 2 -29.13 12.18 -6.50
C ARG B 2 -29.10 13.69 -6.33
N THR B 3 -29.01 14.07 -5.07
CA THR B 3 -29.25 15.43 -4.67
C THR B 3 -27.89 16.05 -4.44
N ILE B 4 -27.77 17.32 -4.81
CA ILE B 4 -26.48 17.98 -4.82
C ILE B 4 -26.50 19.21 -3.92
N GLY B 5 -25.37 19.49 -3.28
CA GLY B 5 -25.19 20.72 -2.54
C GLY B 5 -23.99 21.44 -3.10
N ILE B 6 -24.23 22.53 -3.84
CA ILE B 6 -23.15 23.31 -4.44
C ILE B 6 -22.48 24.20 -3.42
N ILE B 7 -21.15 24.16 -3.39
CA ILE B 7 -20.39 25.07 -2.54
C ILE B 7 -19.31 25.73 -3.36
N GLY B 8 -19.35 27.06 -3.46
CA GLY B 8 -18.31 27.80 -4.14
C GLY B 8 -17.14 28.04 -3.21
N ALA B 9 -15.93 27.80 -3.70
CA ALA B 9 -14.73 28.03 -2.90
C ALA B 9 -13.71 28.88 -3.67
N PRO B 10 -13.93 30.21 -3.72
CA PRO B 10 -13.11 31.14 -4.48
C PRO B 10 -11.80 31.47 -3.78
N PHE B 11 -10.90 30.51 -3.73
CA PHE B 11 -9.66 30.63 -2.96
C PHE B 11 -8.47 30.30 -3.84
N SER B 12 -7.38 31.03 -3.70
CA SER B 12 -6.23 30.86 -4.59
C SER B 12 -4.89 30.76 -3.90
N LYS B 13 -4.84 31.03 -2.61
CA LYS B 13 -3.54 31.20 -1.94
C LYS B 13 -2.76 29.91 -1.66
N GLY B 14 -3.25 28.77 -2.14
CA GLY B 14 -2.47 27.55 -2.10
C GLY B 14 -1.50 27.45 -3.26
N GLN B 15 -1.53 28.46 -4.13
CA GLN B 15 -0.69 28.51 -5.33
C GLN B 15 -0.45 29.97 -5.78
N PRO B 16 0.53 30.21 -6.67
CA PRO B 16 0.95 31.59 -6.97
C PRO B 16 0.09 32.42 -7.94
N ARG B 17 -0.69 31.78 -8.79
CA ARG B 17 -1.42 32.50 -9.85
C ARG B 17 -2.85 32.84 -9.43
N GLY B 18 -3.19 34.13 -9.43
CA GLY B 18 -4.42 34.60 -8.81
C GLY B 18 -5.83 34.32 -9.35
N GLY B 19 -5.96 34.04 -10.64
CA GLY B 19 -7.29 33.95 -11.21
C GLY B 19 -8.15 32.74 -10.86
N VAL B 20 -7.58 31.78 -10.17
CA VAL B 20 -8.29 30.53 -9.89
C VAL B 20 -9.48 30.75 -8.91
N GLU B 21 -9.49 31.88 -8.22
CA GLU B 21 -10.62 32.23 -7.37
C GLU B 21 -11.86 32.50 -8.21
N GLU B 22 -11.66 32.73 -9.50
CA GLU B 22 -12.78 33.02 -10.38
C GLU B 22 -13.44 31.73 -10.89
N GLY B 23 -12.89 30.59 -10.50
CA GLY B 23 -13.47 29.30 -10.81
C GLY B 23 -14.97 29.17 -10.59
N PRO B 24 -15.44 29.39 -9.35
CA PRO B 24 -16.87 29.22 -9.08
C PRO B 24 -17.74 30.15 -9.93
N THR B 25 -17.24 31.35 -10.16
CA THR B 25 -17.95 32.35 -10.91
C THR B 25 -18.17 31.90 -12.35
N VAL B 26 -17.11 31.43 -12.98
CA VAL B 26 -17.18 31.10 -14.39
C VAL B 26 -17.92 29.79 -14.64
N LEU B 27 -17.80 28.85 -13.71
CA LEU B 27 -18.57 27.61 -13.81
C LEU B 27 -20.04 27.91 -13.65
N ARG B 28 -20.37 28.78 -12.72
CA ARG B 28 -21.76 29.17 -12.50
C ARG B 28 -22.33 29.90 -13.71
N LYS B 29 -21.56 30.83 -14.24
CA LYS B 29 -21.98 31.62 -15.39
C LYS B 29 -22.16 30.76 -16.66
N ALA B 30 -21.47 29.62 -16.70
CA ALA B 30 -21.64 28.67 -17.80
C ALA B 30 -22.91 27.84 -17.66
N GLY B 31 -23.64 28.09 -16.57
CA GLY B 31 -24.97 27.53 -16.41
C GLY B 31 -24.99 26.16 -15.78
N LEU B 32 -23.97 25.85 -14.99
CA LEU B 32 -23.84 24.53 -14.38
C LEU B 32 -25.09 24.11 -13.60
N LEU B 33 -25.66 25.01 -12.81
CA LEU B 33 -26.77 24.64 -11.95
C LEU B 33 -28.04 24.36 -12.73
N GLU B 34 -28.30 25.15 -13.76
CA GLU B 34 -29.49 24.93 -14.57
C GLU B 34 -29.37 23.65 -15.39
N LYS B 35 -28.16 23.33 -15.82
CA LYS B 35 -27.94 22.13 -16.63
C LYS B 35 -28.05 20.89 -15.79
N LEU B 36 -27.61 20.97 -14.54
CA LEU B 36 -27.83 19.93 -13.56
C LEU B 36 -29.33 19.74 -13.32
N LYS B 37 -30.04 20.84 -13.12
CA LYS B 37 -31.48 20.77 -12.96
C LYS B 37 -32.18 20.15 -14.18
N GLU B 38 -31.68 20.45 -15.39
CA GLU B 38 -32.26 19.93 -16.61
C GLU B 38 -32.18 18.42 -16.73
N GLN B 39 -31.17 17.85 -16.11
CA GLN B 39 -31.09 16.40 -15.97
C GLN B 39 -31.64 16.08 -14.57
N GLU B 40 -31.37 14.94 -14.02
CA GLU B 40 -32.22 14.31 -13.01
C GLU B 40 -32.34 15.06 -11.67
N CYS B 41 -31.66 16.20 -11.55
CA CYS B 41 -31.10 16.66 -10.27
C CYS B 41 -31.87 17.59 -9.33
N ASP B 42 -31.72 17.27 -8.04
CA ASP B 42 -32.19 18.12 -6.96
C ASP B 42 -30.99 18.95 -6.47
N VAL B 43 -30.99 20.23 -6.80
CA VAL B 43 -29.83 21.09 -6.54
C VAL B 43 -30.12 22.10 -5.44
N LYS B 44 -29.23 22.16 -4.45
CA LYS B 44 -29.27 23.23 -3.47
C LYS B 44 -27.96 24.01 -3.50
N ASP B 45 -28.05 25.31 -3.73
CA ASP B 45 -26.86 26.14 -3.76
C ASP B 45 -26.59 26.66 -2.36
N TYR B 46 -25.45 26.28 -1.81
CA TYR B 46 -25.04 26.75 -0.49
C TYR B 46 -24.21 28.03 -0.56
N GLY B 47 -24.06 28.59 -1.76
CA GLY B 47 -23.37 29.84 -1.97
C GLY B 47 -21.86 29.75 -2.06
N ASP B 48 -21.21 30.88 -2.22
CA ASP B 48 -19.75 30.94 -2.24
C ASP B 48 -19.22 31.26 -0.86
N LEU B 49 -18.27 30.46 -0.37
CA LEU B 49 -17.67 30.69 0.93
C LEU B 49 -16.87 31.99 0.99
N PRO B 50 -17.13 32.80 2.03
CA PRO B 50 -16.37 34.03 2.26
C PRO B 50 -15.04 33.76 2.95
N PHE B 51 -13.96 33.93 2.21
CA PHE B 51 -12.61 33.72 2.73
C PHE B 51 -11.95 35.07 3.05
N ALA B 52 -11.78 35.35 4.34
CA ALA B 52 -11.14 36.59 4.79
C ALA B 52 -9.66 36.62 4.47
N ASP B 53 -9.16 37.78 4.10
CA ASP B 53 -7.74 37.96 3.91
C ASP B 53 -7.06 37.86 5.27
N ILE B 54 -5.89 37.21 5.30
CA ILE B 54 -5.00 37.26 6.44
C ILE B 54 -3.73 37.97 5.98
N PRO B 55 -3.67 39.29 6.17
CA PRO B 55 -2.63 40.19 5.61
C PRO B 55 -1.23 39.90 6.13
N ASN B 56 -1.14 39.38 7.35
CA ASN B 56 0.12 38.93 7.90
C ASN B 56 0.09 37.41 8.02
N ASP B 57 0.61 36.75 6.99
CA ASP B 57 0.60 35.30 6.92
C ASP B 57 1.98 34.86 6.50
N SER B 58 2.93 35.01 7.42
CA SER B 58 4.34 34.73 7.17
C SER B 58 4.51 33.26 6.84
N PRO B 59 5.50 32.93 6.00
CA PRO B 59 5.74 31.54 5.60
C PRO B 59 6.17 30.61 6.75
N PHE B 60 5.78 29.34 6.64
CA PHE B 60 6.36 28.31 7.49
C PHE B 60 7.44 27.65 6.66
N GLN B 61 8.69 27.87 7.05
CA GLN B 61 9.83 27.49 6.21
C GLN B 61 9.61 28.11 4.84
N ILE B 62 9.51 27.28 3.81
CA ILE B 62 9.26 27.80 2.47
C ILE B 62 7.78 27.78 2.11
N VAL B 63 6.95 27.29 3.02
CA VAL B 63 5.52 27.13 2.77
C VAL B 63 4.74 28.44 2.86
N LYS B 64 4.11 28.81 1.76
CA LYS B 64 3.45 30.12 1.62
C LYS B 64 1.98 30.14 2.04
N ASN B 65 1.58 31.28 2.62
CA ASN B 65 0.21 31.50 3.06
C ASN B 65 -0.41 30.37 3.91
N PRO B 66 0.32 29.84 4.92
CA PRO B 66 -0.20 28.68 5.65
C PRO B 66 -1.51 28.93 6.39
N ARG B 67 -1.60 30.07 7.07
CA ARG B 67 -2.82 30.39 7.80
C ARG B 67 -4.02 30.60 6.87
N SER B 68 -3.81 31.18 5.70
CA SER B 68 -4.91 31.42 4.79
C SER B 68 -5.41 30.10 4.23
N VAL B 69 -4.48 29.23 3.84
CA VAL B 69 -4.85 27.93 3.27
C VAL B 69 -5.48 27.05 4.33
N GLY B 70 -4.94 27.14 5.54
CA GLY B 70 -5.48 26.41 6.67
C GLY B 70 -6.91 26.80 6.96
N LYS B 71 -7.16 28.10 7.09
CA LYS B 71 -8.49 28.56 7.46
C LYS B 71 -9.53 28.26 6.40
N ALA B 72 -9.17 28.46 5.14
CA ALA B 72 -10.07 28.23 4.03
C ALA B 72 -10.51 26.78 3.99
N SER B 73 -9.57 25.88 4.23
CA SER B 73 -9.93 24.47 4.29
C SER B 73 -10.76 24.18 5.53
N GLU B 74 -10.46 24.84 6.64
CA GLU B 74 -11.21 24.65 7.88
C GLU B 74 -12.66 25.05 7.70
N GLN B 75 -12.89 26.20 7.08
CA GLN B 75 -14.23 26.67 6.78
C GLN B 75 -14.94 25.73 5.82
N LEU B 76 -14.20 25.21 4.86
CA LEU B 76 -14.79 24.39 3.81
C LEU B 76 -15.23 23.06 4.39
N ALA B 77 -14.42 22.52 5.30
CA ALA B 77 -14.72 21.27 5.99
C ALA B 77 -16.06 21.34 6.72
N GLY B 78 -16.31 22.44 7.41
CA GLY B 78 -17.55 22.60 8.13
C GLY B 78 -18.77 22.68 7.23
N LYS B 79 -18.58 23.32 6.07
CA LYS B 79 -19.67 23.49 5.13
C LYS B 79 -19.97 22.17 4.40
N VAL B 80 -18.94 21.41 4.07
CA VAL B 80 -19.15 20.12 3.43
C VAL B 80 -19.84 19.15 4.39
N ALA B 81 -19.40 19.13 5.65
CA ALA B 81 -20.03 18.30 6.65
C ALA B 81 -21.49 18.68 6.80
N GLU B 82 -21.78 19.97 6.66
CA GLU B 82 -23.16 20.44 6.72
C GLU B 82 -24.01 19.91 5.58
N VAL B 83 -23.52 20.00 4.34
CA VAL B 83 -24.32 19.54 3.22
C VAL B 83 -24.44 18.02 3.22
N LYS B 84 -23.43 17.33 3.74
CA LYS B 84 -23.48 15.88 3.89
C LYS B 84 -24.53 15.49 4.92
N LYS B 85 -24.60 16.26 6.01
CA LYS B 85 -25.63 16.02 7.02
C LYS B 85 -27.02 16.33 6.46
N ASN B 86 -27.05 17.13 5.39
CA ASN B 86 -28.29 17.42 4.70
C ASN B 86 -28.71 16.33 3.72
N GLY B 87 -27.95 15.24 3.66
CA GLY B 87 -28.27 14.14 2.76
C GLY B 87 -27.97 14.42 1.30
N ARG B 88 -26.94 15.21 1.06
CA ARG B 88 -26.63 15.71 -0.27
C ARG B 88 -25.19 15.41 -0.66
N ILE B 89 -24.96 15.27 -1.96
CA ILE B 89 -23.61 15.14 -2.48
C ILE B 89 -22.99 16.52 -2.51
N SER B 90 -21.84 16.67 -1.88
CA SER B 90 -21.17 17.96 -1.87
C SER B 90 -20.46 18.18 -3.19
N LEU B 91 -20.77 19.29 -3.84
CA LEU B 91 -20.08 19.67 -5.08
C LEU B 91 -19.31 20.96 -4.86
N VAL B 92 -18.00 20.82 -4.77
CA VAL B 92 -17.13 21.95 -4.47
C VAL B 92 -16.50 22.50 -5.76
N LEU B 93 -16.72 23.79 -6.00
CA LEU B 93 -16.10 24.47 -7.13
C LEU B 93 -14.91 25.28 -6.66
N GLY B 94 -13.71 24.85 -7.02
CA GLY B 94 -12.50 25.54 -6.64
C GLY B 94 -12.22 26.61 -7.66
N GLY B 95 -11.20 27.42 -7.40
CA GLY B 95 -10.36 27.27 -6.22
C GLY B 95 -9.21 26.33 -6.48
N ASP B 96 -8.12 26.50 -5.73
CA ASP B 96 -6.96 25.63 -5.89
C ASP B 96 -7.09 24.35 -5.09
N HIS B 97 -6.25 23.37 -5.39
CA HIS B 97 -6.43 22.03 -4.85
C HIS B 97 -6.05 21.86 -3.37
N SER B 98 -5.50 22.90 -2.75
CA SER B 98 -5.24 22.82 -1.31
C SER B 98 -6.56 22.63 -0.58
N LEU B 99 -7.63 23.14 -1.17
CA LEU B 99 -8.97 23.04 -0.59
C LEU B 99 -9.41 21.61 -0.34
N ALA B 100 -8.76 20.66 -1.01
CA ALA B 100 -9.11 19.25 -0.83
C ALA B 100 -8.90 18.79 0.60
N ILE B 101 -8.01 19.45 1.34
CA ILE B 101 -7.88 19.19 2.76
C ILE B 101 -9.21 19.41 3.47
N GLY B 102 -9.83 20.55 3.21
CA GLY B 102 -11.12 20.86 3.78
C GLY B 102 -12.25 19.99 3.25
N SER B 103 -12.27 19.80 1.94
CA SER B 103 -13.35 19.05 1.30
C SER B 103 -13.43 17.62 1.83
N ILE B 104 -12.30 16.93 1.80
CA ILE B 104 -12.24 15.54 2.22
C ILE B 104 -12.39 15.39 3.73
N SER B 105 -11.81 16.30 4.51
CA SER B 105 -11.94 16.25 5.97
C SER B 105 -13.39 16.37 6.39
N GLY B 106 -14.07 17.38 5.86
CA GLY B 106 -15.47 17.60 6.16
C GLY B 106 -16.35 16.44 5.76
N HIS B 107 -16.08 15.88 4.59
CA HIS B 107 -16.81 14.72 4.09
C HIS B 107 -16.63 13.53 5.05
N ALA B 108 -15.38 13.29 5.45
CA ALA B 108 -15.02 12.17 6.32
C ALA B 108 -15.60 12.28 7.73
N ARG B 109 -15.98 13.49 8.13
CA ARG B 109 -16.60 13.65 9.43
C ARG B 109 -17.96 12.97 9.44
N VAL B 110 -18.65 13.00 8.30
CA VAL B 110 -19.95 12.36 8.18
C VAL B 110 -19.83 10.91 7.68
N HIS B 111 -18.91 10.68 6.75
CA HIS B 111 -18.69 9.34 6.21
C HIS B 111 -17.21 8.96 6.29
N PRO B 112 -16.78 8.50 7.47
CA PRO B 112 -15.37 8.20 7.69
C PRO B 112 -14.87 7.00 6.87
N ASP B 113 -15.80 6.29 6.23
CA ASP B 113 -15.44 5.12 5.45
C ASP B 113 -15.32 5.42 3.95
N LEU B 114 -15.24 6.70 3.61
CA LEU B 114 -15.12 7.10 2.21
C LEU B 114 -13.78 6.64 1.62
N GLY B 115 -13.78 6.46 0.31
CA GLY B 115 -12.58 6.15 -0.43
C GLY B 115 -12.44 7.25 -1.46
N VAL B 116 -11.22 7.58 -1.82
CA VAL B 116 -10.95 8.74 -2.67
C VAL B 116 -10.42 8.34 -4.05
N ILE B 117 -10.96 8.95 -5.08
CA ILE B 117 -10.37 8.85 -6.42
C ILE B 117 -9.82 10.22 -6.76
N TRP B 118 -8.54 10.25 -7.08
CA TRP B 118 -7.84 11.52 -7.27
C TRP B 118 -7.37 11.63 -8.71
N VAL B 119 -8.04 12.46 -9.49
CA VAL B 119 -7.71 12.61 -10.90
C VAL B 119 -6.87 13.88 -11.08
N ASP B 120 -5.66 13.74 -11.62
CA ASP B 120 -4.66 14.78 -11.56
C ASP B 120 -3.42 14.35 -12.32
N ALA B 121 -2.69 15.29 -12.89
CA ALA B 121 -1.36 14.98 -13.40
C ALA B 121 -0.37 14.84 -12.27
N HIS B 122 -0.76 15.31 -11.08
CA HIS B 122 0.13 15.38 -9.91
C HIS B 122 -0.41 14.58 -8.73
N THR B 123 0.48 14.16 -7.83
CA THR B 123 0.06 13.42 -6.62
C THR B 123 -0.42 14.33 -5.51
N ASP B 124 0.05 15.58 -5.49
CA ASP B 124 -0.34 16.52 -4.44
C ASP B 124 -0.06 15.99 -3.04
N ILE B 125 1.05 15.28 -2.89
CA ILE B 125 1.35 14.55 -1.68
C ILE B 125 2.68 14.99 -1.07
N ASN B 126 3.21 16.12 -1.52
CA ASN B 126 4.36 16.69 -0.85
C ASN B 126 3.99 17.03 0.58
N THR B 127 4.93 16.89 1.49
CA THR B 127 4.71 17.31 2.86
C THR B 127 5.29 18.70 2.98
N PRO B 128 4.99 19.39 4.10
CA PRO B 128 5.60 20.72 4.28
C PRO B 128 7.13 20.68 4.28
N LEU B 129 7.70 19.50 4.49
CA LEU B 129 9.14 19.35 4.55
C LEU B 129 9.75 18.82 3.25
N THR B 130 8.97 18.17 2.40
CA THR B 130 9.52 17.69 1.12
C THR B 130 9.30 18.66 -0.03
N THR B 131 8.35 19.57 0.11
CA THR B 131 8.02 20.51 -0.95
C THR B 131 9.22 21.38 -1.30
N THR B 132 9.37 21.70 -2.58
CA THR B 132 10.45 22.56 -3.01
C THR B 132 9.88 23.89 -3.48
N SER B 133 8.59 23.89 -3.80
CA SER B 133 7.93 25.09 -4.31
C SER B 133 7.29 25.87 -3.16
N GLY B 134 6.88 25.16 -2.11
CA GLY B 134 6.20 25.77 -0.98
C GLY B 134 4.73 26.05 -1.23
N ASN B 135 4.21 25.56 -2.36
CA ASN B 135 2.81 25.79 -2.71
C ASN B 135 1.92 24.70 -2.12
N LEU B 136 0.93 25.10 -1.33
CA LEU B 136 0.14 24.13 -0.57
C LEU B 136 -0.83 23.31 -1.42
N HIS B 137 -1.10 23.75 -2.64
CA HIS B 137 -1.97 22.98 -3.53
C HIS B 137 -1.31 21.69 -3.99
N GLY B 138 0.00 21.58 -3.77
CA GLY B 138 0.75 20.39 -4.08
C GLY B 138 1.06 19.55 -2.86
N GLN B 139 0.36 19.82 -1.75
CA GLN B 139 0.52 19.10 -0.50
C GLN B 139 -0.72 18.49 0.18
N PRO B 140 -1.93 18.68 -0.39
CA PRO B 140 -3.09 18.36 0.46
C PRO B 140 -3.18 16.90 0.92
N VAL B 141 -2.78 15.96 0.07
CA VAL B 141 -2.90 14.56 0.41
C VAL B 141 -2.07 14.20 1.64
N SER B 142 -0.92 14.84 1.80
CA SER B 142 -0.04 14.55 2.93
C SER B 142 -0.70 14.88 4.26
N PHE B 143 -1.53 15.93 4.27
CA PHE B 143 -2.25 16.34 5.47
C PHE B 143 -3.38 15.39 5.81
N LEU B 144 -3.87 14.67 4.80
CA LEU B 144 -5.02 13.80 4.98
C LEU B 144 -4.64 12.37 5.35
N LEU B 145 -3.45 11.93 4.96
CA LEU B 145 -3.06 10.54 5.16
C LEU B 145 -2.66 10.20 6.58
N LYS B 146 -3.31 9.18 7.15
CA LYS B 146 -2.94 8.66 8.46
C LYS B 146 -1.47 8.23 8.53
N GLU B 147 -0.97 7.54 7.52
CA GLU B 147 0.40 7.01 7.56
C GLU B 147 1.47 8.09 7.64
N LEU B 148 1.13 9.32 7.30
CA LEU B 148 2.13 10.38 7.27
C LEU B 148 2.06 11.21 8.53
N LYS B 149 1.19 10.79 9.46
CA LYS B 149 1.21 11.36 10.80
C LYS B 149 2.59 11.05 11.38
N GLY B 150 3.25 12.09 11.88
CA GLY B 150 4.64 11.98 12.29
C GLY B 150 5.60 12.67 11.32
N LYS B 151 5.18 12.83 10.07
CA LYS B 151 5.99 13.51 9.07
C LYS B 151 5.47 14.92 8.74
N ILE B 152 4.29 15.25 9.25
CA ILE B 152 3.70 16.57 9.03
C ILE B 152 3.96 17.46 10.22
N PRO B 153 4.77 18.51 10.05
CA PRO B 153 5.08 19.40 11.17
C PRO B 153 3.88 20.26 11.53
N ASP B 154 3.92 20.91 12.69
CA ASP B 154 2.81 21.74 13.13
C ASP B 154 2.76 23.05 12.38
N VAL B 155 2.12 23.06 11.22
CA VAL B 155 2.05 24.27 10.41
C VAL B 155 0.90 25.15 10.89
N PRO B 156 1.16 26.45 11.07
CA PRO B 156 0.08 27.35 11.53
C PRO B 156 -1.10 27.36 10.58
N GLY B 157 -2.30 27.20 11.13
CA GLY B 157 -3.51 27.15 10.33
C GLY B 157 -4.09 25.76 10.18
N PHE B 158 -3.33 24.75 10.61
CA PHE B 158 -3.72 23.36 10.37
C PHE B 158 -3.84 22.49 11.63
N SER B 159 -3.96 23.11 12.79
CA SER B 159 -4.03 22.34 14.02
C SER B 159 -5.36 21.62 14.15
N TRP B 160 -6.37 22.11 13.43
CA TRP B 160 -7.70 21.51 13.42
C TRP B 160 -7.71 20.17 12.69
N VAL B 161 -6.72 19.94 11.83
CA VAL B 161 -6.69 18.78 10.95
C VAL B 161 -6.38 17.49 11.69
N THR B 162 -7.20 16.47 11.45
CA THR B 162 -6.86 15.11 11.84
C THR B 162 -6.91 14.25 10.60
N PRO B 163 -5.81 13.55 10.30
CA PRO B 163 -5.73 12.68 9.12
C PRO B 163 -6.92 11.75 9.11
N CYS B 164 -7.53 11.55 7.95
CA CYS B 164 -8.79 10.83 7.90
C CYS B 164 -8.84 9.66 6.92
N ILE B 165 -7.85 9.56 6.04
CA ILE B 165 -7.83 8.46 5.09
C ILE B 165 -6.51 7.72 5.19
N SER B 166 -6.57 6.40 5.10
CA SER B 166 -5.36 5.60 5.08
C SER B 166 -4.89 5.44 3.65
N ALA B 167 -3.67 4.97 3.50
CA ALA B 167 -3.07 4.81 2.18
C ALA B 167 -3.88 3.90 1.26
N LYS B 168 -4.59 2.94 1.86
CA LYS B 168 -5.31 1.93 1.10
C LYS B 168 -6.61 2.44 0.50
N ASP B 169 -7.02 3.63 0.91
CA ASP B 169 -8.33 4.15 0.53
C ASP B 169 -8.31 5.31 -0.46
N ILE B 170 -7.22 5.45 -1.21
CA ILE B 170 -7.16 6.46 -2.26
C ILE B 170 -6.56 5.84 -3.52
N VAL B 171 -7.10 6.23 -4.68
CA VAL B 171 -6.55 5.80 -5.96
C VAL B 171 -6.30 7.01 -6.83
N TYR B 172 -5.09 7.10 -7.38
CA TYR B 172 -4.73 8.15 -8.32
C TYR B 172 -4.99 7.72 -9.76
N ILE B 173 -5.51 8.62 -10.56
CA ILE B 173 -5.58 8.41 -12.01
C ILE B 173 -5.05 9.63 -12.77
N GLY B 174 -4.11 9.40 -13.69
CA GLY B 174 -3.65 10.43 -14.60
C GLY B 174 -2.26 10.99 -14.35
N LEU B 175 -1.56 10.49 -13.34
CA LEU B 175 -0.16 11.02 -12.91
C LEU B 175 0.86 11.02 -14.02
N ARG B 176 1.50 12.16 -14.18
CA ARG B 176 2.66 12.28 -15.07
C ARG B 176 3.61 13.38 -14.79
N ASP B 177 3.48 13.98 -13.62
CA ASP B 177 4.47 14.93 -13.12
C ASP B 177 4.58 14.83 -11.59
N VAL B 178 5.35 13.84 -11.15
CA VAL B 178 5.46 13.52 -9.73
C VAL B 178 6.88 13.80 -9.22
N ASP B 179 7.00 14.58 -8.16
CA ASP B 179 8.30 14.96 -7.61
C ASP B 179 8.98 13.73 -7.03
N PRO B 180 10.32 13.75 -6.94
CA PRO B 180 11.06 12.62 -6.37
C PRO B 180 10.60 12.20 -4.97
N GLY B 181 10.39 13.17 -4.09
CA GLY B 181 9.93 12.87 -2.75
C GLY B 181 8.52 12.31 -2.73
N GLU B 182 7.70 12.80 -3.65
CA GLU B 182 6.34 12.30 -3.78
C GLU B 182 6.36 10.87 -4.25
N HIS B 183 7.27 10.56 -5.17
CA HIS B 183 7.37 9.21 -5.71
C HIS B 183 7.83 8.25 -4.62
N TYR B 184 8.74 8.70 -3.76
CA TYR B 184 9.18 7.89 -2.64
C TYR B 184 8.01 7.53 -1.76
N ILE B 185 7.16 8.51 -1.48
CA ILE B 185 6.00 8.30 -0.63
C ILE B 185 5.00 7.36 -1.28
N LEU B 186 4.71 7.60 -2.54
CA LEU B 186 3.78 6.74 -3.28
C LEU B 186 4.16 5.29 -3.15
N LYS B 187 5.40 4.98 -3.52
CA LYS B 187 5.88 3.61 -3.53
C LYS B 187 6.05 3.02 -2.13
N THR B 188 6.50 3.84 -1.18
CA THR B 188 6.70 3.37 0.19
C THR B 188 5.38 3.00 0.87
N LEU B 189 4.36 3.83 0.67
CA LEU B 189 3.08 3.64 1.32
C LEU B 189 2.19 2.66 0.58
N GLY B 190 2.53 2.40 -0.68
CA GLY B 190 1.82 1.44 -1.48
C GLY B 190 0.47 1.93 -1.95
N ILE B 191 0.37 3.24 -2.15
CA ILE B 191 -0.85 3.84 -2.65
C ILE B 191 -1.09 3.36 -4.06
N LYS B 192 -2.35 3.01 -4.36
CA LYS B 192 -2.71 2.54 -5.69
C LYS B 192 -2.76 3.71 -6.65
N TYR B 193 -2.11 3.57 -7.80
CA TYR B 193 -2.12 4.63 -8.79
C TYR B 193 -2.20 4.08 -10.21
N PHE B 194 -2.82 4.86 -11.08
CA PHE B 194 -2.79 4.62 -12.50
C PHE B 194 -2.21 5.89 -13.12
N SER B 195 -0.90 5.90 -13.29
CA SER B 195 -0.26 7.00 -13.99
C SER B 195 -0.66 6.90 -15.47
N MET B 196 -0.25 7.87 -16.27
CA MET B 196 -0.53 7.78 -17.70
C MET B 196 0.05 6.52 -18.32
N THR B 197 1.16 6.03 -17.80
CA THR B 197 1.76 4.77 -18.26
C THR B 197 0.77 3.60 -18.13
N GLU B 198 0.11 3.50 -16.98
CA GLU B 198 -0.92 2.48 -16.73
C GLU B 198 -2.18 2.69 -17.57
N VAL B 199 -2.57 3.94 -17.75
CA VAL B 199 -3.72 4.25 -18.61
C VAL B 199 -3.41 3.83 -20.04
N ASP B 200 -2.18 4.10 -20.49
CA ASP B 200 -1.72 3.68 -21.82
C ASP B 200 -1.72 2.15 -21.94
N ARG B 201 -1.23 1.49 -20.90
CA ARG B 201 -1.10 0.04 -20.89
C ARG B 201 -2.46 -0.65 -20.90
N LEU B 202 -3.35 -0.22 -20.02
CA LEU B 202 -4.60 -0.91 -19.79
C LEU B 202 -5.77 -0.38 -20.61
N GLY B 203 -5.72 0.91 -20.95
CA GLY B 203 -6.89 1.60 -21.45
C GLY B 203 -7.72 2.05 -20.26
N ILE B 204 -8.45 3.13 -20.45
CA ILE B 204 -9.23 3.72 -19.37
C ILE B 204 -10.33 2.79 -18.85
N GLY B 205 -10.84 1.91 -19.70
CA GLY B 205 -11.86 0.95 -19.29
C GLY B 205 -11.39 0.04 -18.19
N LYS B 206 -10.24 -0.59 -18.39
CA LYS B 206 -9.65 -1.47 -17.41
C LYS B 206 -9.17 -0.69 -16.18
N VAL B 207 -8.68 0.53 -16.40
CA VAL B 207 -8.31 1.40 -15.29
C VAL B 207 -9.47 1.62 -14.33
N MET B 208 -10.65 1.91 -14.86
CA MET B 208 -11.80 2.15 -14.00
C MET B 208 -12.33 0.87 -13.36
N GLU B 209 -12.26 -0.23 -14.08
CA GLU B 209 -12.67 -1.51 -13.51
C GLU B 209 -11.80 -1.85 -12.32
N GLU B 210 -10.49 -1.66 -12.46
CA GLU B 210 -9.55 -1.97 -11.40
C GLU B 210 -9.63 -0.99 -10.24
N THR B 211 -9.85 0.28 -10.56
CA THR B 211 -10.04 1.31 -9.54
C THR B 211 -11.24 1.02 -8.65
N LEU B 212 -12.38 0.74 -9.28
CA LEU B 212 -13.61 0.54 -8.54
C LEU B 212 -13.62 -0.79 -7.79
N SER B 213 -13.09 -1.83 -8.43
CA SER B 213 -12.94 -3.12 -7.78
C SER B 213 -12.05 -3.00 -6.54
N TYR B 214 -11.00 -2.19 -6.62
CA TYR B 214 -10.07 -1.97 -5.50
C TYR B 214 -10.71 -1.19 -4.37
N LEU B 215 -11.47 -0.16 -4.71
CA LEU B 215 -12.15 0.66 -3.71
C LEU B 215 -13.46 0.05 -3.20
N LEU B 216 -14.22 -0.60 -4.08
CA LEU B 216 -15.56 -1.09 -3.72
C LEU B 216 -15.69 -2.59 -3.56
N GLY B 217 -14.61 -3.32 -3.81
CA GLY B 217 -14.66 -4.77 -3.80
C GLY B 217 -15.11 -5.37 -2.48
N ARG B 218 -14.49 -4.90 -1.41
CA ARG B 218 -14.70 -5.44 -0.07
C ARG B 218 -16.06 -5.00 0.46
N LYS B 219 -16.25 -3.68 0.57
CA LYS B 219 -17.50 -3.10 1.01
C LYS B 219 -17.93 -2.01 0.04
N LYS B 220 -19.23 -1.80 -0.10
CA LYS B 220 -19.72 -0.60 -0.75
C LYS B 220 -19.59 0.55 0.23
N ARG B 221 -18.92 1.62 -0.18
CA ARG B 221 -18.75 2.79 0.68
C ARG B 221 -18.82 4.08 -0.16
N PRO B 222 -18.96 5.24 0.49
CA PRO B 222 -19.03 6.51 -0.23
C PRO B 222 -17.77 6.85 -1.02
N ILE B 223 -17.95 7.40 -2.22
CA ILE B 223 -16.82 7.80 -3.05
C ILE B 223 -16.63 9.31 -3.06
N HIS B 224 -15.39 9.75 -2.85
CA HIS B 224 -15.04 11.14 -3.02
C HIS B 224 -14.18 11.28 -4.25
N LEU B 225 -14.69 11.96 -5.26
CA LEU B 225 -13.90 12.24 -6.45
C LEU B 225 -13.30 13.64 -6.36
N SER B 226 -11.98 13.72 -6.30
CA SER B 226 -11.33 15.02 -6.32
C SER B 226 -10.69 15.20 -7.69
N PHE B 227 -11.28 16.08 -8.48
CA PHE B 227 -10.91 16.21 -9.87
C PHE B 227 -10.13 17.52 -10.13
N ASP B 228 -8.85 17.38 -10.42
CA ASP B 228 -8.01 18.49 -10.87
C ASP B 228 -8.11 18.53 -12.39
N VAL B 229 -8.50 19.67 -12.94
CA VAL B 229 -8.70 19.78 -14.38
C VAL B 229 -7.41 19.60 -15.15
N ASP B 230 -6.26 19.77 -14.49
CA ASP B 230 -5.00 19.50 -15.18
C ASP B 230 -4.73 18.02 -15.40
N GLY B 231 -5.63 17.16 -14.91
CA GLY B 231 -5.53 15.74 -15.16
C GLY B 231 -5.72 15.46 -16.63
N LEU B 232 -6.60 16.26 -17.25
CA LEU B 232 -6.84 16.18 -18.68
C LEU B 232 -5.76 16.95 -19.42
N ASP B 233 -5.55 16.58 -20.68
CA ASP B 233 -4.51 17.18 -21.48
C ASP B 233 -4.79 18.67 -21.66
N PRO B 234 -3.73 19.49 -21.68
CA PRO B 234 -3.89 20.94 -21.85
C PRO B 234 -4.54 21.33 -23.17
N SER B 235 -4.67 20.41 -24.12
CA SER B 235 -5.42 20.71 -25.33
C SER B 235 -6.92 20.74 -25.05
N PHE B 236 -7.34 20.24 -23.89
CA PHE B 236 -8.74 20.26 -23.48
C PHE B 236 -9.01 21.23 -22.33
N THR B 237 -8.06 21.31 -21.39
CA THR B 237 -8.18 22.22 -20.26
C THR B 237 -6.94 23.10 -20.10
N PRO B 238 -6.69 23.98 -21.06
CA PRO B 238 -5.47 24.81 -21.03
C PRO B 238 -5.51 25.89 -19.97
N ALA B 239 -6.70 26.34 -19.56
CA ALA B 239 -6.80 27.42 -18.56
C ALA B 239 -6.66 26.86 -17.15
N THR B 240 -5.44 26.52 -16.80
CA THR B 240 -5.12 25.94 -15.50
C THR B 240 -3.66 26.27 -15.19
N GLY B 241 -3.32 26.29 -13.91
CA GLY B 241 -2.04 26.80 -13.46
C GLY B 241 -0.82 25.95 -13.74
N THR B 242 -0.98 24.64 -13.66
CA THR B 242 0.13 23.72 -13.83
C THR B 242 -0.14 22.64 -14.89
N PRO B 243 -0.25 23.05 -16.17
CA PRO B 243 -0.57 22.10 -17.23
C PRO B 243 0.60 21.18 -17.57
N VAL B 244 0.33 19.91 -17.85
CA VAL B 244 1.36 18.94 -18.22
C VAL B 244 0.90 18.17 -19.47
N VAL B 245 1.75 18.14 -20.50
CA VAL B 245 1.39 17.48 -21.75
C VAL B 245 1.27 15.98 -21.57
N GLY B 246 0.59 15.34 -22.51
CA GLY B 246 0.38 13.90 -22.46
C GLY B 246 -0.68 13.44 -21.49
N GLY B 247 -1.75 14.22 -21.35
CA GLY B 247 -2.77 13.93 -20.36
C GLY B 247 -3.96 13.14 -20.83
N LEU B 248 -4.93 12.99 -19.95
CA LEU B 248 -6.15 12.26 -20.27
C LEU B 248 -6.93 13.02 -21.33
N THR B 249 -7.59 12.29 -22.21
CA THR B 249 -8.38 12.92 -23.25
C THR B 249 -9.71 13.34 -22.69
N TYR B 250 -10.46 14.10 -23.46
CA TYR B 250 -11.81 14.51 -23.08
C TYR B 250 -12.67 13.26 -22.90
N ARG B 251 -12.56 12.35 -23.86
CA ARG B 251 -13.28 11.07 -23.79
C ARG B 251 -12.96 10.29 -22.52
N GLU B 252 -11.69 10.18 -22.17
CA GLU B 252 -11.28 9.52 -20.94
C GLU B 252 -11.86 10.21 -19.71
N GLY B 253 -11.86 11.54 -19.73
CA GLY B 253 -12.42 12.31 -18.63
C GLY B 253 -13.88 12.01 -18.42
N LEU B 254 -14.64 11.98 -19.52
CA LEU B 254 -16.05 11.62 -19.46
C LEU B 254 -16.26 10.18 -19.02
N TYR B 255 -15.39 9.29 -19.44
CA TYR B 255 -15.53 7.89 -19.08
C TYR B 255 -15.37 7.63 -17.57
N ILE B 256 -14.31 8.18 -17.00
CA ILE B 256 -14.04 8.10 -15.56
C ILE B 256 -15.27 8.52 -14.78
N THR B 257 -15.86 9.64 -15.15
CA THR B 257 -16.96 10.22 -14.39
C THR B 257 -18.28 9.50 -14.64
N GLU B 258 -18.49 9.03 -15.85
CA GLU B 258 -19.67 8.22 -16.14
C GLU B 258 -19.65 6.93 -15.32
N GLU B 259 -18.48 6.31 -15.20
CA GLU B 259 -18.37 5.07 -14.43
C GLU B 259 -18.54 5.29 -12.94
N ILE B 260 -18.07 6.43 -12.45
CA ILE B 260 -18.24 6.73 -11.04
C ILE B 260 -19.70 7.02 -10.73
N TYR B 261 -20.37 7.76 -11.61
CA TYR B 261 -21.81 7.97 -11.46
C TYR B 261 -22.56 6.65 -11.28
N LYS B 262 -22.25 5.69 -12.14
CA LYS B 262 -23.04 4.46 -12.21
C LYS B 262 -22.89 3.54 -11.01
N THR B 263 -21.89 3.81 -10.18
CA THR B 263 -21.75 3.05 -8.94
C THR B 263 -22.86 3.45 -7.98
N GLY B 264 -23.40 4.66 -8.17
CA GLY B 264 -24.44 5.18 -7.31
C GLY B 264 -23.90 5.59 -5.95
N LEU B 265 -22.58 5.65 -5.82
CA LEU B 265 -21.97 5.90 -4.52
C LEU B 265 -21.19 7.20 -4.46
N LEU B 266 -21.27 8.02 -5.50
CA LEU B 266 -20.60 9.31 -5.44
C LEU B 266 -21.19 10.08 -4.27
N SER B 267 -20.32 10.62 -3.44
CA SER B 267 -20.75 11.23 -2.19
C SER B 267 -20.18 12.64 -2.05
N GLY B 268 -19.05 12.90 -2.69
CA GLY B 268 -18.44 14.21 -2.67
C GLY B 268 -17.61 14.41 -3.92
N LEU B 269 -17.63 15.61 -4.46
CA LEU B 269 -16.90 15.90 -5.70
C LEU B 269 -16.23 17.25 -5.61
N ASP B 270 -14.99 17.32 -6.08
CA ASP B 270 -14.28 18.58 -6.23
C ASP B 270 -13.98 18.81 -7.69
N ILE B 271 -14.26 20.02 -8.18
CA ILE B 271 -13.84 20.43 -9.51
C ILE B 271 -12.85 21.58 -9.33
N MET B 272 -11.57 21.29 -9.48
CA MET B 272 -10.54 22.20 -9.00
C MET B 272 -9.60 22.74 -10.07
N GLU B 273 -8.97 23.87 -9.75
CA GLU B 273 -7.90 24.45 -10.53
C GLU B 273 -8.28 25.05 -11.89
N VAL B 274 -9.55 25.34 -12.12
CA VAL B 274 -9.89 26.15 -13.28
C VAL B 274 -9.43 27.58 -13.02
N ASN B 275 -8.57 28.09 -13.88
CA ASN B 275 -8.12 29.47 -13.78
C ASN B 275 -8.36 30.20 -15.10
N PRO B 276 -9.51 30.89 -15.21
CA PRO B 276 -9.87 31.54 -16.46
C PRO B 276 -8.93 32.68 -16.86
N SER B 277 -8.19 33.25 -15.91
CA SER B 277 -7.27 34.33 -16.25
C SER B 277 -6.03 33.81 -16.98
N LEU B 278 -5.90 32.49 -17.08
CA LEU B 278 -4.72 31.88 -17.67
C LEU B 278 -4.91 31.37 -19.11
N GLY B 279 -6.10 31.54 -19.66
CA GLY B 279 -6.31 31.14 -21.04
C GLY B 279 -5.58 32.12 -21.93
N LYS B 280 -4.87 31.62 -22.93
CA LYS B 280 -4.17 32.47 -23.88
C LYS B 280 -5.15 33.24 -24.77
N THR B 281 -6.33 32.66 -24.98
CA THR B 281 -7.40 33.29 -25.73
C THR B 281 -8.71 33.10 -24.98
N PRO B 282 -9.73 33.90 -25.30
CA PRO B 282 -11.05 33.68 -24.68
C PRO B 282 -11.63 32.30 -24.98
N GLU B 283 -11.23 31.71 -26.09
CA GLU B 283 -11.69 30.38 -26.45
C GLU B 283 -11.04 29.31 -25.59
N GLU B 284 -9.81 29.55 -25.13
CA GLU B 284 -9.16 28.60 -24.25
C GLU B 284 -9.87 28.58 -22.91
N VAL B 285 -10.47 29.71 -22.55
CA VAL B 285 -11.23 29.80 -21.31
C VAL B 285 -12.50 28.98 -21.47
N THR B 286 -13.25 29.28 -22.52
CA THR B 286 -14.49 28.59 -22.85
C THR B 286 -14.31 27.08 -22.94
N ARG B 287 -13.22 26.66 -23.59
CA ARG B 287 -12.91 25.23 -23.76
C ARG B 287 -12.72 24.56 -22.42
N THR B 288 -11.97 25.23 -21.55
CA THR B 288 -11.67 24.68 -20.24
C THR B 288 -12.93 24.59 -19.39
N VAL B 289 -13.69 25.67 -19.37
CA VAL B 289 -14.90 25.75 -18.54
C VAL B 289 -15.94 24.76 -19.02
N ASN B 290 -16.13 24.69 -20.34
CA ASN B 290 -17.08 23.77 -20.91
C ASN B 290 -16.71 22.32 -20.65
N THR B 291 -15.41 22.02 -20.70
CA THR B 291 -14.96 20.67 -20.40
C THR B 291 -15.23 20.34 -18.94
N ALA B 292 -14.96 21.29 -18.05
CA ALA B 292 -15.19 21.09 -16.62
C ALA B 292 -16.67 20.90 -16.33
N VAL B 293 -17.52 21.65 -17.04
CA VAL B 293 -18.96 21.47 -16.89
C VAL B 293 -19.41 20.10 -17.41
N ALA B 294 -18.90 19.69 -18.56
CA ALA B 294 -19.26 18.41 -19.14
C ALA B 294 -18.92 17.26 -18.19
N ILE B 295 -17.76 17.36 -17.54
CA ILE B 295 -17.30 16.35 -16.60
C ILE B 295 -18.15 16.33 -15.34
N THR B 296 -18.52 17.50 -14.85
CA THR B 296 -19.41 17.59 -13.70
C THR B 296 -20.79 17.00 -14.01
N LEU B 297 -21.32 17.28 -15.19
CA LEU B 297 -22.62 16.73 -15.61
C LEU B 297 -22.62 15.19 -15.69
N ALA B 298 -21.49 14.61 -16.07
CA ALA B 298 -21.36 13.16 -16.16
C ALA B 298 -21.35 12.55 -14.78
N CYS B 299 -20.86 13.30 -13.79
CA CYS B 299 -20.82 12.82 -12.43
C CYS B 299 -22.23 12.63 -11.90
N PHE B 300 -23.17 13.32 -12.51
CA PHE B 300 -24.53 13.31 -12.01
C PHE B 300 -25.54 12.76 -13.02
N GLY B 301 -25.07 11.89 -13.91
CA GLY B 301 -25.98 11.11 -14.72
C GLY B 301 -26.04 11.34 -16.22
N LEU B 302 -25.44 12.41 -16.70
CA LEU B 302 -25.44 12.66 -18.13
C LEU B 302 -24.60 11.57 -18.79
N ALA B 303 -25.21 10.83 -19.70
CA ALA B 303 -24.54 9.71 -20.36
C ALA B 303 -24.47 9.92 -21.86
N ARG B 304 -23.35 9.57 -22.46
CA ARG B 304 -23.21 9.74 -23.90
C ARG B 304 -24.15 8.85 -24.70
N GLU B 305 -24.57 7.72 -24.13
CA GLU B 305 -25.51 6.85 -24.81
C GLU B 305 -26.90 7.47 -24.85
N GLY B 306 -27.13 8.44 -23.97
CA GLY B 306 -28.39 9.13 -23.90
C GLY B 306 -29.04 9.02 -22.54
N ASN B 307 -30.10 9.79 -22.34
CA ASN B 307 -30.89 9.78 -21.12
C ASN B 307 -32.37 9.95 -21.46
N HIS B 308 -33.24 9.40 -20.63
CA HIS B 308 -34.66 9.73 -20.74
C HIS B 308 -35.33 9.72 -19.37
N LYS B 309 -36.40 10.49 -19.26
CA LYS B 309 -37.17 10.58 -18.03
C LYS B 309 -38.10 9.37 -17.95
N PRO B 310 -38.57 9.02 -16.74
CA PRO B 310 -39.47 7.87 -16.59
C PRO B 310 -40.79 8.07 -17.30
N ILE B 311 -40.79 8.01 -18.63
CA ILE B 311 -41.98 8.33 -19.43
C ILE B 311 -42.12 7.34 -20.59
N ASP B 312 -43.33 7.20 -21.13
CA ASP B 312 -43.53 6.46 -22.35
C ASP B 312 -43.47 7.39 -23.55
N TYR B 313 -42.31 7.48 -24.18
CA TYR B 313 -42.07 8.47 -25.22
C TYR B 313 -42.83 8.21 -26.52
N LEU B 314 -43.32 6.99 -26.69
CA LEU B 314 -44.10 6.67 -27.88
C LEU B 314 -45.60 6.78 -27.64
O20 X7A C . -3.34 -9.87 4.20
C18 X7A C . -3.62 -10.78 5.00
O21 X7A C . -4.12 -11.87 4.62
C1 X7A C . -3.36 -10.55 6.47
N2 X7A C . -3.73 -11.79 7.18
C3 X7A C . -1.91 -10.17 6.76
C4 X7A C . -0.86 -11.05 6.10
C5 X7A C . 0.55 -10.75 6.64
C6 X7A C . 1.58 -11.46 5.78
B7 X7A C . 2.93 -11.86 6.51
O8 X7A C . 3.49 -10.51 6.97
O9 X7A C . 4.03 -12.36 5.63
O19 X7A C . 2.87 -12.61 7.81
C10 X7A C . -4.22 -9.39 6.98
C11 X7A C . -5.69 -9.55 6.63
N12 X7A C . -6.52 -8.52 7.30
C13 X7A C . -5.92 -8.02 8.54
C13 X7A C . -7.95 -8.74 7.07
C14 X7A C . -6.77 -6.87 9.06
C14 X7A C . -8.73 -7.76 7.92
C15 X7A C . -8.18 -7.36 9.37
C15 X7A C . -7.80 -6.83 8.70
C16 X7A C . -8.78 -8.03 8.14
C16 X7A C . -6.73 -6.18 7.82
C17 X7A C . -7.84 -9.10 7.59
C17 X7A C . -6.15 -7.18 6.83
MN MN D . 3.65 -11.71 9.47
MN MN E . 4.74 -13.85 7.18
O20 X7A F . 4.42 22.55 -6.47
C18 X7A F . 4.51 21.31 -6.45
O21 X7A F . 4.64 20.67 -5.38
C1 X7A F . 4.48 20.57 -7.76
N2 X7A F . 4.63 19.14 -7.47
C3 X7A F . 3.15 20.84 -8.48
C4 X7A F . 1.91 20.70 -7.62
C5 X7A F . 0.64 20.87 -8.47
C6 X7A F . -0.59 21.03 -7.57
B7 X7A F . -1.94 20.52 -8.25
O8 X7A F . -2.05 21.42 -9.49
O9 X7A F . -3.23 20.90 -7.57
O19 X7A F . -1.93 19.16 -8.88
C10 X7A F . 5.62 21.04 -8.67
C11 X7A F . 7.03 20.78 -8.16
N12 X7A F . 8.02 21.31 -9.12
C13 X7A F . 7.82 20.69 -10.44
C13 X7A F . 9.36 20.98 -8.64
C14 X7A F . 8.68 21.43 -11.45
C14 X7A F . 10.43 21.73 -9.43
C15 X7A F . 10.15 21.40 -11.05
C15 X7A F . 9.87 22.31 -10.71
C16 X7A F . 10.34 21.82 -9.60
C16 X7A F . 8.73 23.28 -10.40
C17 X7A F . 9.39 21.06 -8.68
C17 X7A F . 7.88 22.77 -9.23
MN MN G . -2.41 19.03 -10.77
MN MN H . -4.09 18.83 -7.94
#